data_5UJT
#
_entry.id   5UJT
#
_cell.length_a   72.038
_cell.length_b   138.767
_cell.length_c   159.735
_cell.angle_alpha   90.00
_cell.angle_beta   90.00
_cell.angle_gamma   90.00
#
_symmetry.space_group_name_H-M   'P 21 21 21'
#
loop_
_entity.id
_entity.type
_entity.pdbx_description
1 polymer 'MHC class II antigen'
2 polymer 'MHC class II HLA-DQ-beta-1'
3 polymer 'insulin mimotope'
4 branched 2-acetamido-2-deoxy-beta-D-glucopyranose-(1-3)-[2-acetamido-2-deoxy-beta-D-glucopyranose-(1-4)]2-acetamido-2-deoxy-beta-D-glucopyranose
5 non-polymer 2-acetamido-2-deoxy-beta-D-glucopyranose
6 water water
#
loop_
_entity_poly.entity_id
_entity_poly.type
_entity_poly.pdbx_seq_one_letter_code
_entity_poly.pdbx_strand_id
1 'polypeptide(L)'
;GEDIVADHVASYGVNLYQSYGPSGQYSHEFDGDEEFYVDLERKETVWQLPLFRRFRRFDPQFALTNIAVLKHNLNCVIKR
SNSTAATNEVPEVTVFSKSPVTLGQPNTLICLVDNIFPPVVNITWLSNGHSVTEGVSETSFLSKSDHSFFKISYLTFLPS
DDEIYDCKVEHWGLDEPLLKHWEPE
;
A,D,G
2 'polypeptide(L)'
;SPEDFVYQFKGMCYFTNGTERVRLVTRYIYNREEYARFDSDVGVYRAVTPLGPPAAEYWNSQKEVLERTRAELDTVCRHN
YQLELRTTLQRRVEPTVTISPSRTEALNHHNLLVCSVTDFYPAQIKVRWFRNDQEETTGVVSTPLIRNGDWTFQILVMLE
MTPQRGDVYTCHVEHPSLQNPIIVEWRAQ
;
B,E,H
3 'polypeptide(L)' GVEELYLVAGEEGCGG C,F,I
#
# COMPACT_ATOMS: atom_id res chain seq x y z
N ASP A 3 -1.26 -14.25 14.42
CA ASP A 3 -1.68 -15.61 14.12
C ASP A 3 -0.41 -16.32 13.70
N ILE A 4 0.29 -15.79 12.69
CA ILE A 4 1.49 -16.47 12.23
C ILE A 4 2.81 -16.20 12.89
N VAL A 5 3.22 -17.16 13.68
CA VAL A 5 4.46 -17.02 14.44
C VAL A 5 5.61 -17.46 13.54
N ALA A 6 6.67 -16.66 13.51
CA ALA A 6 7.78 -16.95 12.63
C ALA A 6 9.02 -16.26 13.19
N ASP A 7 10.18 -16.81 12.87
CA ASP A 7 11.40 -16.10 13.20
C ASP A 7 11.58 -14.86 12.35
N HIS A 8 11.13 -14.90 11.08
CA HIS A 8 11.29 -13.81 10.13
C HIS A 8 10.10 -13.80 9.19
N VAL A 9 9.74 -12.61 8.71
CA VAL A 9 8.65 -12.43 7.77
C VAL A 9 9.13 -11.54 6.62
N ALA A 10 8.90 -11.96 5.39
CA ALA A 10 9.26 -11.16 4.23
C ALA A 10 8.02 -10.88 3.40
N SER A 11 8.01 -9.73 2.74
CA SER A 11 7.03 -9.48 1.69
C SER A 11 7.81 -9.40 0.39
N TYR A 12 7.72 -10.44 -0.42
CA TYR A 12 8.47 -10.49 -1.66
C TYR A 12 7.52 -10.21 -2.81
N GLY A 13 7.06 -8.97 -2.64
CA GLY A 13 6.06 -8.22 -3.34
C GLY A 13 5.08 -7.62 -2.35
N VAL A 14 5.27 -6.37 -1.92
CA VAL A 14 4.16 -5.50 -1.56
C VAL A 14 3.81 -4.78 -2.85
N ASN A 15 2.62 -5.05 -3.39
CA ASN A 15 2.17 -4.56 -4.69
C ASN A 15 0.95 -3.68 -4.46
N LEU A 16 0.96 -2.49 -5.06
CA LEU A 16 -0.10 -1.51 -4.88
C LEU A 16 -0.40 -0.85 -6.22
N TYR A 17 -1.69 -0.74 -6.55
CA TYR A 17 -2.15 0.05 -7.69
C TYR A 17 -3.44 0.76 -7.29
N GLN A 18 -3.57 2.05 -7.61
CA GLN A 18 -4.79 2.78 -7.26
C GLN A 18 -5.19 3.69 -8.41
N SER A 19 -6.52 3.87 -8.56
CA SER A 19 -7.05 4.70 -9.64
C SER A 19 -6.67 6.16 -9.51
N TYR A 20 -6.46 6.66 -8.29
CA TYR A 20 -6.07 8.06 -8.14
C TYR A 20 -4.65 8.27 -8.65
N GLY A 21 -4.51 9.07 -9.72
CA GLY A 21 -3.23 9.25 -10.38
C GLY A 21 -3.33 8.93 -11.86
N PRO A 22 -3.39 7.65 -12.20
CA PRO A 22 -3.27 6.55 -11.24
C PRO A 22 -1.81 6.39 -10.80
N SER A 23 -1.59 5.57 -9.79
CA SER A 23 -0.25 5.40 -9.25
C SER A 23 -0.13 3.99 -8.69
N GLY A 24 1.11 3.56 -8.52
CA GLY A 24 1.38 2.25 -7.97
C GLY A 24 2.65 2.31 -7.14
N GLN A 25 2.94 1.18 -6.49
CA GLN A 25 4.17 1.00 -5.73
C GLN A 25 4.53 -0.48 -5.77
N TYR A 26 5.82 -0.77 -5.89
CA TYR A 26 6.33 -2.14 -5.77
C TYR A 26 7.55 -2.12 -4.85
N SER A 27 7.51 -2.91 -3.78
CA SER A 27 8.62 -2.94 -2.85
C SER A 27 8.72 -4.33 -2.22
N HIS A 28 9.91 -4.63 -1.72
CA HIS A 28 10.13 -5.81 -0.90
C HIS A 28 10.46 -5.39 0.53
N GLU A 29 9.97 -6.17 1.49
CA GLU A 29 10.21 -5.89 2.90
C GLU A 29 10.74 -7.16 3.55
N PHE A 30 11.61 -6.98 4.54
CA PHE A 30 12.09 -8.09 5.34
C PHE A 30 12.09 -7.69 6.80
N ASP A 31 11.42 -8.48 7.64
CA ASP A 31 11.22 -8.15 9.06
C ASP A 31 10.76 -6.70 9.23
N GLY A 32 9.86 -6.26 8.35
CA GLY A 32 9.18 -4.99 8.52
C GLY A 32 9.89 -3.76 8.00
N ASP A 33 11.06 -3.91 7.36
CA ASP A 33 11.78 -2.76 6.82
C ASP A 33 11.87 -2.90 5.31
N GLU A 34 11.93 -1.77 4.63
CA GLU A 34 11.84 -1.74 3.17
C GLU A 34 13.20 -1.99 2.50
N GLU A 35 13.30 -3.08 1.73
CA GLU A 35 14.58 -3.36 1.06
C GLU A 35 14.78 -2.46 -0.15
N PHE A 36 13.73 -2.29 -0.94
CA PHE A 36 13.79 -1.46 -2.14
C PHE A 36 12.37 -1.16 -2.58
N TYR A 37 12.23 -0.14 -3.41
CA TYR A 37 11.07 0.05 -4.23
C TYR A 37 11.55 0.17 -5.67
N VAL A 38 10.65 -0.06 -6.61
CA VAL A 38 10.97 0.09 -8.01
C VAL A 38 10.38 1.41 -8.49
N ASP A 39 11.23 2.30 -9.00
CA ASP A 39 10.71 3.51 -9.62
C ASP A 39 10.01 3.10 -10.90
N LEU A 40 8.67 3.12 -10.89
CA LEU A 40 7.94 2.55 -12.00
C LEU A 40 8.04 3.41 -13.26
N GLU A 41 8.20 4.72 -13.10
CA GLU A 41 8.38 5.59 -14.27
C GLU A 41 9.75 5.40 -14.89
N ARG A 42 10.81 5.41 -14.06
CA ARG A 42 12.17 5.28 -14.58
C ARG A 42 12.59 3.85 -14.83
N LYS A 43 11.80 2.86 -14.42
CA LYS A 43 12.16 1.45 -14.57
C LYS A 43 13.49 1.16 -13.89
N GLU A 44 13.58 1.56 -12.62
CA GLU A 44 14.80 1.45 -11.83
C GLU A 44 14.47 0.90 -10.46
N THR A 45 15.26 -0.06 -10.00
CA THR A 45 15.18 -0.54 -8.62
C THR A 45 16.02 0.36 -7.71
N VAL A 46 15.44 0.82 -6.61
CA VAL A 46 16.09 1.76 -5.70
C VAL A 46 16.24 1.08 -4.35
N TRP A 47 17.44 0.54 -4.08
CA TRP A 47 17.69 -0.14 -2.81
C TRP A 47 17.89 0.86 -1.68
N GLN A 48 17.49 0.46 -0.48
CA GLN A 48 17.39 1.38 0.65
C GLN A 48 18.61 1.35 1.58
N LEU A 49 19.59 0.48 1.33
CA LEU A 49 20.84 0.47 2.07
C LEU A 49 22.01 0.29 1.12
N PRO A 50 23.16 0.91 1.41
CA PRO A 50 24.39 0.65 0.63
C PRO A 50 24.77 -0.81 0.56
N LEU A 51 24.61 -1.54 1.67
CA LEU A 51 24.78 -2.99 1.64
C LEU A 51 24.00 -3.62 0.50
N PHE A 52 22.72 -3.26 0.37
CA PHE A 52 21.87 -3.86 -0.66
C PHE A 52 22.30 -3.44 -2.05
N ARG A 53 22.59 -2.15 -2.23
CA ARG A 53 23.02 -1.67 -3.54
C ARG A 53 24.24 -2.41 -4.06
N ARG A 54 25.14 -2.86 -3.19
CA ARG A 54 26.35 -3.46 -3.75
C ARG A 54 26.24 -4.97 -3.93
N PHE A 55 25.35 -5.67 -3.22
CA PHE A 55 25.29 -7.12 -3.32
C PHE A 55 23.98 -7.69 -3.84
N ARG A 56 22.96 -6.88 -4.09
CA ARG A 56 21.68 -7.42 -4.53
C ARG A 56 21.21 -6.80 -5.83
N ARG A 57 20.41 -7.56 -6.57
CA ARG A 57 19.84 -7.06 -7.82
C ARG A 57 18.43 -7.59 -8.03
N PHE A 58 17.54 -6.70 -8.48
CA PHE A 58 16.16 -7.06 -8.78
C PHE A 58 15.74 -6.43 -10.11
N ASP A 59 15.21 -7.24 -11.00
CA ASP A 59 14.77 -6.85 -12.35
C ASP A 59 13.54 -5.94 -12.31
N PRO A 60 13.65 -4.66 -12.67
CA PRO A 60 12.48 -3.77 -12.54
C PRO A 60 11.30 -4.21 -13.37
N GLN A 61 11.52 -4.96 -14.45
CA GLN A 61 10.39 -5.43 -15.25
C GLN A 61 9.46 -6.36 -14.47
N PHE A 62 10.00 -7.11 -13.51
CA PHE A 62 9.13 -7.94 -12.67
C PHE A 62 8.06 -7.08 -12.00
N ALA A 63 8.48 -5.95 -11.42
CA ALA A 63 7.52 -5.07 -10.77
C ALA A 63 6.54 -4.49 -11.79
N LEU A 64 7.04 -4.03 -12.92
CA LEU A 64 6.17 -3.47 -13.96
C LEU A 64 5.12 -4.47 -14.42
N THR A 65 5.51 -5.70 -14.58
CA THR A 65 4.59 -6.71 -14.98
C THR A 65 3.54 -6.97 -13.88
N ASN A 66 3.97 -7.15 -12.65
CA ASN A 66 3.05 -7.37 -11.57
C ASN A 66 2.08 -6.16 -11.48
N ILE A 67 2.56 -4.94 -11.50
CA ILE A 67 1.64 -3.81 -11.33
C ILE A 67 0.63 -3.77 -12.47
N ALA A 68 1.03 -4.19 -13.68
CA ALA A 68 0.09 -4.27 -14.79
C ALA A 68 -1.00 -5.31 -14.50
N VAL A 69 -0.65 -6.42 -13.86
CA VAL A 69 -1.67 -7.38 -13.44
C VAL A 69 -2.64 -6.75 -12.44
N LEU A 70 -2.11 -6.02 -11.44
CA LEU A 70 -3.00 -5.39 -10.46
C LEU A 70 -3.97 -4.44 -11.16
N LYS A 71 -3.48 -3.66 -12.13
CA LYS A 71 -4.35 -2.76 -12.87
C LYS A 71 -5.48 -3.54 -13.53
N HIS A 72 -5.13 -4.63 -14.22
CA HIS A 72 -6.13 -5.53 -14.78
C HIS A 72 -7.08 -6.05 -13.71
N ASN A 73 -6.53 -6.60 -12.63
CA ASN A 73 -7.40 -7.14 -11.57
C ASN A 73 -8.31 -6.06 -11.01
N LEU A 74 -7.77 -4.85 -10.80
CA LEU A 74 -8.57 -3.79 -10.19
C LEU A 74 -9.81 -3.49 -11.01
N ASN A 75 -9.66 -3.41 -12.34
CA ASN A 75 -10.83 -3.13 -13.17
C ASN A 75 -11.86 -4.26 -13.08
N CYS A 76 -11.42 -5.51 -12.95
CA CYS A 76 -12.38 -6.60 -12.76
C CYS A 76 -13.15 -6.44 -11.46
N VAL A 77 -12.48 -6.05 -10.38
CA VAL A 77 -13.16 -6.02 -9.09
C VAL A 77 -14.00 -4.77 -8.94
N ILE A 78 -13.63 -3.67 -9.60
CA ILE A 78 -14.53 -2.51 -9.68
C ILE A 78 -15.85 -2.92 -10.34
N LYS A 79 -15.77 -3.66 -11.44
CA LYS A 79 -17.01 -4.10 -12.08
C LYS A 79 -17.81 -4.98 -11.13
N ARG A 80 -17.14 -5.94 -10.50
CA ARG A 80 -17.84 -6.92 -9.67
C ARG A 80 -18.41 -6.31 -8.40
N SER A 81 -17.88 -5.19 -7.92
CA SER A 81 -18.31 -4.54 -6.69
C SER A 81 -19.22 -3.35 -6.93
N ASN A 82 -19.67 -3.13 -8.15
CA ASN A 82 -20.38 -1.90 -8.48
C ASN A 82 -19.66 -0.65 -7.95
N SER A 83 -18.36 -0.57 -8.25
CA SER A 83 -17.56 0.63 -7.99
C SER A 83 -17.58 1.02 -6.50
N THR A 84 -17.33 0.05 -5.63
CA THR A 84 -17.17 0.37 -4.20
C THR A 84 -15.83 1.06 -3.97
N ALA A 85 -15.88 2.30 -3.50
CA ALA A 85 -14.70 3.15 -3.35
C ALA A 85 -14.00 2.92 -2.02
N ALA A 86 -12.74 3.33 -1.95
CA ALA A 86 -11.98 3.22 -0.71
C ALA A 86 -12.53 4.16 0.36
N THR A 87 -12.43 3.72 1.61
CA THR A 87 -12.81 4.55 2.76
C THR A 87 -11.60 5.32 3.28
N ASN A 88 -11.78 6.61 3.54
CA ASN A 88 -10.69 7.41 4.09
C ASN A 88 -10.56 7.14 5.59
N GLU A 89 -9.39 6.70 6.04
CA GLU A 89 -9.09 6.51 7.45
C GLU A 89 -8.38 7.74 8.03
N VAL A 90 -8.38 7.83 9.35
CA VAL A 90 -7.72 8.93 10.06
C VAL A 90 -6.29 8.51 10.38
N PRO A 91 -5.28 9.17 9.83
CA PRO A 91 -3.90 8.81 10.17
C PRO A 91 -3.51 9.23 11.60
N GLU A 92 -2.55 8.51 12.17
CA GLU A 92 -1.98 8.86 13.46
C GLU A 92 -0.53 9.31 13.28
N VAL A 93 -0.12 10.39 13.95
CA VAL A 93 1.17 11.02 13.70
C VAL A 93 1.96 11.11 15.00
N THR A 94 3.24 10.69 14.94
CA THR A 94 4.18 10.78 16.05
C THR A 94 5.49 11.36 15.54
N VAL A 95 6.12 12.23 16.34
CA VAL A 95 7.42 12.83 16.04
C VAL A 95 8.36 12.58 17.20
N PHE A 96 9.58 12.14 16.88
CA PHE A 96 10.60 11.84 17.86
C PHE A 96 11.95 12.00 17.17
N SER A 97 13.01 12.10 17.96
CA SER A 97 14.33 12.22 17.37
C SER A 97 14.98 10.86 17.14
N LYS A 98 15.87 10.82 16.14
CA LYS A 98 16.63 9.61 15.85
C LYS A 98 17.62 9.30 16.97
N SER A 99 18.30 10.30 17.47
CA SER A 99 19.37 10.10 18.44
C SER A 99 19.17 11.06 19.60
N PRO A 100 19.84 10.80 20.73
CA PRO A 100 19.79 11.73 21.86
C PRO A 100 20.20 13.13 21.43
N VAL A 101 19.50 14.11 21.96
CA VAL A 101 19.64 15.49 21.49
C VAL A 101 20.67 16.19 22.35
N THR A 102 21.65 16.81 21.71
CA THR A 102 22.54 17.75 22.37
C THR A 102 22.66 18.96 21.47
N LEU A 103 22.53 20.15 22.05
CA LEU A 103 22.56 21.38 21.28
C LEU A 103 23.85 21.45 20.46
N GLY A 104 23.73 21.88 19.20
CA GLY A 104 24.87 21.99 18.31
C GLY A 104 25.33 20.68 17.66
N GLN A 105 24.68 19.56 17.96
CA GLN A 105 25.08 18.28 17.37
C GLN A 105 24.08 17.81 16.33
N PRO A 106 24.48 17.74 15.06
CA PRO A 106 23.53 17.36 13.99
C PRO A 106 22.74 16.13 14.36
N ASN A 107 21.45 16.13 13.99
CA ASN A 107 20.55 15.06 14.38
C ASN A 107 19.53 14.87 13.26
N THR A 108 18.57 13.98 13.49
CA THR A 108 17.48 13.74 12.55
C THR A 108 16.17 13.64 13.32
N LEU A 109 15.16 14.39 12.89
CA LEU A 109 13.81 14.23 13.41
C LEU A 109 13.03 13.23 12.56
N ILE A 110 12.22 12.41 13.22
CA ILE A 110 11.46 11.36 12.56
C ILE A 110 9.98 11.63 12.75
N CYS A 111 9.23 11.65 11.65
CA CYS A 111 7.78 11.80 11.68
C CYS A 111 7.15 10.52 11.16
N LEU A 112 6.54 9.75 12.06
CA LEU A 112 5.84 8.52 11.71
C LEU A 112 4.38 8.82 11.45
N VAL A 113 3.93 8.54 10.22
CA VAL A 113 2.52 8.69 9.85
C VAL A 113 1.96 7.27 9.68
N ASP A 114 1.12 6.86 10.62
CA ASP A 114 0.59 5.51 10.73
C ASP A 114 -0.90 5.49 10.36
N ASN A 115 -1.39 4.29 10.09
CA ASN A 115 -2.80 4.03 9.77
CA ASN A 115 -2.79 4.02 9.73
C ASN A 115 -3.22 4.89 8.56
N ILE A 116 -2.43 4.85 7.48
CA ILE A 116 -2.72 5.63 6.28
C ILE A 116 -3.57 4.78 5.34
N PHE A 117 -4.76 5.27 5.01
CA PHE A 117 -5.53 4.71 3.92
C PHE A 117 -6.58 5.70 3.47
N PRO A 118 -6.73 5.87 2.14
CA PRO A 118 -5.91 5.23 1.11
C PRO A 118 -4.49 5.76 1.11
N PRO A 119 -3.52 5.06 0.34
CA PRO A 119 -2.09 5.43 0.35
C PRO A 119 -1.80 6.65 -0.52
N VAL A 120 -2.29 7.80 -0.06
CA VAL A 120 -2.08 9.12 -0.65
C VAL A 120 -1.93 10.10 0.51
N VAL A 121 -0.79 10.80 0.60
CA VAL A 121 -0.51 11.63 1.77
C VAL A 121 0.52 12.66 1.39
N ASN A 122 0.44 13.83 2.03
CA ASN A 122 1.51 14.83 2.01
C ASN A 122 2.10 14.96 3.40
N ILE A 123 3.42 14.78 3.51
CA ILE A 123 4.16 14.96 4.75
C ILE A 123 5.22 16.02 4.49
N THR A 124 5.16 17.12 5.22
CA THR A 124 6.16 18.19 5.12
C THR A 124 6.56 18.67 6.52
N TRP A 125 7.68 19.40 6.57
CA TRP A 125 8.22 19.87 7.83
C TRP A 125 8.17 21.39 7.93
N LEU A 126 7.99 21.88 9.16
CA LEU A 126 8.03 23.30 9.49
C LEU A 126 9.13 23.54 10.52
N SER A 127 9.96 24.54 10.26
CA SER A 127 11.01 24.98 11.17
C SER A 127 10.70 26.41 11.57
N ASN A 128 10.40 26.64 12.86
CA ASN A 128 9.94 27.95 13.31
C ASN A 128 8.83 28.47 12.41
N GLY A 129 7.90 27.59 12.05
CA GLY A 129 6.78 27.99 11.22
C GLY A 129 7.06 28.08 9.74
N HIS A 130 8.31 27.91 9.31
CA HIS A 130 8.67 28.06 7.91
C HIS A 130 8.74 26.70 7.23
N SER A 131 8.26 26.64 5.99
CA SER A 131 8.27 25.38 5.27
C SER A 131 9.71 24.99 4.96
N VAL A 132 10.05 23.72 5.19
CA VAL A 132 11.40 23.23 4.98
C VAL A 132 11.48 22.64 3.58
N THR A 133 12.52 23.01 2.85
CA THR A 133 12.68 22.62 1.46
C THR A 133 13.83 21.67 1.18
N GLU A 134 14.74 21.48 2.13
CA GLU A 134 15.95 20.69 1.94
C GLU A 134 16.21 19.87 3.19
N GLY A 135 16.90 18.73 3.02
CA GLY A 135 17.16 17.89 4.16
C GLY A 135 16.02 16.99 4.59
N VAL A 136 15.07 16.74 3.70
CA VAL A 136 13.89 15.93 3.96
C VAL A 136 13.95 14.71 3.06
N SER A 137 13.67 13.54 3.61
CA SER A 137 13.54 12.32 2.85
C SER A 137 12.42 11.51 3.49
N GLU A 138 11.99 10.44 2.81
CA GLU A 138 10.90 9.64 3.37
C GLU A 138 10.96 8.23 2.81
N THR A 139 10.39 7.30 3.56
CA THR A 139 10.20 5.94 3.09
C THR A 139 9.08 5.90 2.05
N SER A 140 8.97 4.75 1.40
CA SER A 140 7.78 4.42 0.66
C SER A 140 6.65 4.16 1.65
N PHE A 141 5.48 3.78 1.13
CA PHE A 141 4.44 3.25 2.00
C PHE A 141 4.83 1.85 2.46
N LEU A 142 4.79 1.64 3.77
CA LEU A 142 5.11 0.35 4.37
C LEU A 142 3.82 -0.35 4.72
N SER A 143 3.78 -1.65 4.45
CA SER A 143 2.53 -2.38 4.59
C SER A 143 2.20 -2.68 6.05
N LYS A 144 0.91 -2.88 6.31
CA LYS A 144 0.44 -3.30 7.62
C LYS A 144 -0.52 -4.47 7.46
N SER A 145 -0.58 -5.32 8.49
CA SER A 145 -1.39 -6.53 8.35
C SER A 145 -2.88 -6.22 8.29
N ASP A 146 -3.33 -5.03 8.70
CA ASP A 146 -4.72 -4.63 8.46
C ASP A 146 -4.89 -3.95 7.10
N HIS A 147 -3.86 -3.96 6.27
CA HIS A 147 -3.88 -3.48 4.88
C HIS A 147 -4.01 -1.97 4.75
N SER A 148 -3.83 -1.23 5.84
CA SER A 148 -3.46 0.17 5.74
C SER A 148 -1.94 0.26 5.58
N PHE A 149 -1.39 1.47 5.63
CA PHE A 149 0.04 1.69 5.46
C PHE A 149 0.57 2.62 6.53
N PHE A 150 1.90 2.63 6.68
CA PHE A 150 2.55 3.73 7.37
C PHE A 150 3.67 4.26 6.51
N LYS A 151 4.09 5.47 6.83
CA LYS A 151 5.13 6.13 6.06
C LYS A 151 5.94 6.96 7.04
N ILE A 152 7.24 7.07 6.81
CA ILE A 152 8.12 7.79 7.73
C ILE A 152 8.89 8.85 6.96
N SER A 153 8.90 10.08 7.48
CA SER A 153 9.64 11.20 6.91
C SER A 153 10.78 11.59 7.85
N TYR A 154 11.89 12.04 7.27
CA TYR A 154 13.09 12.38 8.05
C TYR A 154 13.49 13.83 7.82
N LEU A 155 13.85 14.54 8.89
CA LEU A 155 14.34 15.91 8.77
C LEU A 155 15.72 16.01 9.40
N THR A 156 16.73 16.36 8.61
CA THR A 156 18.01 16.67 9.22
C THR A 156 17.94 18.06 9.83
N PHE A 157 18.50 18.19 11.03
CA PHE A 157 18.41 19.44 11.75
C PHE A 157 19.58 19.56 12.72
N LEU A 158 19.79 20.79 13.17
CA LEU A 158 20.80 21.15 14.14
C LEU A 158 20.13 21.63 15.41
N PRO A 159 20.05 20.83 16.45
CA PRO A 159 19.37 21.28 17.65
C PRO A 159 19.93 22.57 18.19
N SER A 160 19.04 23.48 18.52
CA SER A 160 19.38 24.76 19.08
C SER A 160 18.33 25.28 20.01
N ASP A 161 18.70 26.26 20.80
CA ASP A 161 17.77 26.83 21.73
C ASP A 161 16.73 27.73 21.12
N ASP A 162 16.86 28.05 19.86
CA ASP A 162 15.97 28.96 19.16
C ASP A 162 15.14 28.43 18.02
N GLU A 163 15.11 27.13 17.81
CA GLU A 163 14.35 26.59 16.69
C GLU A 163 13.48 25.43 17.14
N ILE A 164 12.23 25.42 16.66
CA ILE A 164 11.24 24.41 16.98
C ILE A 164 10.65 23.87 15.69
N TYR A 165 10.09 22.65 15.77
CA TYR A 165 9.70 21.90 14.59
C TYR A 165 8.26 21.40 14.65
N ASP A 166 7.61 21.32 13.49
CA ASP A 166 6.36 20.61 13.37
C ASP A 166 6.41 19.70 12.15
N CYS A 167 5.81 18.52 12.28
CA CYS A 167 5.53 17.67 11.15
C CYS A 167 4.09 17.94 10.70
N LYS A 168 3.91 18.25 9.42
CA LYS A 168 2.60 18.63 8.88
C LYS A 168 2.08 17.58 7.91
N VAL A 169 0.89 17.05 8.18
CA VAL A 169 0.34 15.91 7.44
C VAL A 169 -1.00 16.30 6.83
N GLU A 170 -1.13 16.11 5.52
CA GLU A 170 -2.37 16.29 4.78
C GLU A 170 -2.86 14.93 4.29
N HIS A 171 -4.14 14.64 4.52
CA HIS A 171 -4.73 13.37 4.12
C HIS A 171 -6.25 13.55 4.05
N TRP A 172 -6.87 12.87 3.08
CA TRP A 172 -8.31 12.98 2.91
C TRP A 172 -9.09 12.62 4.17
N GLY A 173 -8.52 11.79 5.05
CA GLY A 173 -9.18 11.47 6.30
C GLY A 173 -9.11 12.56 7.36
N LEU A 174 -8.47 13.69 7.06
CA LEU A 174 -8.37 14.80 7.98
C LEU A 174 -9.19 15.97 7.48
N ASP A 175 -9.83 16.66 8.42
CA ASP A 175 -10.61 17.85 8.11
C ASP A 175 -9.70 19.03 7.75
N GLU A 176 -8.53 19.10 8.36
CA GLU A 176 -7.54 20.14 8.13
C GLU A 176 -6.16 19.51 8.29
N PRO A 177 -5.11 20.16 7.82
CA PRO A 177 -3.75 19.62 8.04
C PRO A 177 -3.50 19.36 9.52
N LEU A 178 -2.93 18.19 9.81
CA LEU A 178 -2.56 17.83 11.17
C LEU A 178 -1.09 18.19 11.41
N LEU A 179 -0.82 18.84 12.54
CA LEU A 179 0.53 19.26 12.91
C LEU A 179 0.95 18.49 14.17
N LYS A 180 2.15 17.94 14.16
CA LYS A 180 2.71 17.31 15.35
C LYS A 180 3.98 18.07 15.74
N HIS A 181 4.03 18.58 16.98
CA HIS A 181 5.09 19.48 17.39
C HIS A 181 6.25 18.76 18.08
N TRP A 182 7.47 19.30 17.92
CA TRP A 182 8.63 18.75 18.61
C TRP A 182 9.63 19.89 18.82
N GLU A 183 10.30 19.89 19.96
CA GLU A 183 11.39 20.84 20.16
C GLU A 183 12.33 20.28 21.21
N PRO A 184 13.58 20.70 21.22
CA PRO A 184 14.48 20.29 22.30
C PRO A 184 13.96 20.85 23.62
N GLU A 185 13.90 19.98 24.63
CA GLU A 185 13.27 20.42 25.87
C GLU A 185 14.20 21.36 26.66
N SER B 1 -13.72 15.10 -1.61
CA SER B 1 -12.45 14.58 -2.11
C SER B 1 -12.67 13.63 -3.28
N PRO B 2 -11.59 13.31 -3.99
CA PRO B 2 -11.73 12.38 -5.12
C PRO B 2 -11.89 10.96 -4.61
N GLU B 3 -12.74 10.21 -5.31
CA GLU B 3 -12.85 8.79 -4.97
C GLU B 3 -11.61 8.05 -5.46
N ASP B 4 -11.26 6.99 -4.74
CA ASP B 4 -10.06 6.23 -5.04
C ASP B 4 -10.44 4.77 -4.98
N PHE B 5 -9.97 3.97 -5.93
CA PHE B 5 -10.14 2.53 -5.89
C PHE B 5 -8.75 1.90 -5.76
N VAL B 6 -8.56 1.06 -4.76
CA VAL B 6 -7.23 0.58 -4.39
C VAL B 6 -7.18 -0.93 -4.52
N TYR B 7 -6.05 -1.43 -5.03
CA TYR B 7 -5.79 -2.87 -5.16
C TYR B 7 -4.41 -3.17 -4.58
N GLN B 8 -4.32 -4.22 -3.77
CA GLN B 8 -3.06 -4.65 -3.20
C GLN B 8 -2.82 -6.12 -3.48
N PHE B 9 -1.57 -6.47 -3.74
CA PHE B 9 -1.18 -7.88 -3.72
C PHE B 9 0.06 -7.99 -2.86
N LYS B 10 -0.03 -8.83 -1.84
CA LYS B 10 1.05 -9.02 -0.87
C LYS B 10 1.46 -10.48 -0.89
N GLY B 11 2.71 -10.75 -1.27
CA GLY B 11 3.23 -12.11 -1.25
C GLY B 11 4.15 -12.26 -0.05
N MET B 12 3.76 -13.06 0.94
CA MET B 12 4.44 -13.03 2.22
C MET B 12 5.03 -14.39 2.54
N CYS B 13 6.28 -14.41 2.97
CA CYS B 13 7.00 -15.62 3.33
C CYS B 13 7.28 -15.57 4.82
N TYR B 14 6.92 -16.64 5.53
CA TYR B 14 7.14 -16.77 6.97
C TYR B 14 8.17 -17.87 7.21
N PHE B 15 9.26 -17.52 7.91
CA PHE B 15 10.40 -18.40 8.10
C PHE B 15 10.61 -18.75 9.57
N THR B 16 10.94 -20.03 9.84
CA THR B 16 11.36 -20.49 11.16
C THR B 16 12.44 -21.54 11.01
N ASN B 17 13.47 -21.46 11.86
CA ASN B 17 14.63 -22.35 11.79
C ASN B 17 15.27 -22.31 10.41
N GLY B 18 15.69 -21.12 10.01
CA GLY B 18 16.21 -20.95 8.67
C GLY B 18 15.12 -21.16 7.63
N THR B 19 15.43 -21.95 6.61
CA THR B 19 14.48 -22.31 5.56
C THR B 19 13.83 -23.67 5.82
N GLU B 20 13.99 -24.23 7.02
CA GLU B 20 13.42 -25.55 7.27
C GLU B 20 11.90 -25.49 7.37
N ARG B 21 11.37 -24.52 8.12
CA ARG B 21 9.92 -24.35 8.25
C ARG B 21 9.51 -23.05 7.55
N VAL B 22 8.83 -23.15 6.41
CA VAL B 22 8.46 -21.98 5.62
C VAL B 22 6.99 -22.08 5.23
N ARG B 23 6.30 -20.95 5.30
CA ARG B 23 4.90 -20.85 4.93
C ARG B 23 4.74 -19.65 4.02
N LEU B 24 4.04 -19.83 2.90
CA LEU B 24 3.79 -18.74 1.95
C LEU B 24 2.31 -18.40 1.98
N VAL B 25 1.99 -17.12 2.15
CA VAL B 25 0.61 -16.68 2.07
C VAL B 25 0.56 -15.49 1.13
N THR B 26 -0.13 -15.65 -0.01
CA THR B 26 -0.35 -14.55 -0.94
C THR B 26 -1.78 -14.02 -0.78
N ARG B 27 -1.92 -12.69 -0.73
CA ARG B 27 -3.16 -12.05 -0.34
C ARG B 27 -3.56 -11.05 -1.42
N TYR B 28 -4.80 -11.18 -1.89
CA TYR B 28 -5.40 -10.33 -2.90
C TYR B 28 -6.43 -9.45 -2.22
N ILE B 29 -6.25 -8.12 -2.35
CA ILE B 29 -6.95 -7.15 -1.52
C ILE B 29 -7.55 -6.07 -2.41
N TYR B 30 -8.85 -5.83 -2.24
CA TYR B 30 -9.54 -4.71 -2.87
C TYR B 30 -9.83 -3.69 -1.79
N ASN B 31 -9.29 -2.48 -1.97
CA ASN B 31 -9.23 -1.47 -0.92
C ASN B 31 -8.55 -2.05 0.31
N ARG B 32 -9.27 -2.32 1.40
CA ARG B 32 -8.67 -3.04 2.51
C ARG B 32 -9.32 -4.40 2.74
N GLU B 33 -10.09 -4.90 1.77
CA GLU B 33 -10.80 -6.17 1.92
C GLU B 33 -9.98 -7.27 1.26
N GLU B 34 -9.36 -8.12 2.06
CA GLU B 34 -8.73 -9.31 1.49
C GLU B 34 -9.81 -10.26 0.98
N TYR B 35 -9.82 -10.53 -0.31
CA TYR B 35 -10.92 -11.32 -0.86
C TYR B 35 -10.48 -12.69 -1.36
N ALA B 36 -9.18 -12.90 -1.59
CA ALA B 36 -8.68 -14.22 -1.96
C ALA B 36 -7.24 -14.36 -1.48
N ARG B 37 -6.83 -15.60 -1.20
CA ARG B 37 -5.47 -15.85 -0.75
C ARG B 37 -5.01 -17.24 -1.15
N PHE B 38 -3.69 -17.39 -1.29
CA PHE B 38 -3.05 -18.69 -1.34
C PHE B 38 -2.25 -18.91 -0.08
N ASP B 39 -2.49 -20.03 0.60
CA ASP B 39 -1.77 -20.40 1.81
C ASP B 39 -1.14 -21.77 1.55
N SER B 40 0.20 -21.83 1.59
CA SER B 40 0.88 -23.09 1.25
C SER B 40 0.50 -24.23 2.19
N ASP B 41 0.05 -23.91 3.41
CA ASP B 41 -0.45 -24.93 4.32
C ASP B 41 -1.80 -25.48 3.88
N VAL B 42 -2.50 -24.78 2.99
CA VAL B 42 -3.77 -25.24 2.45
C VAL B 42 -3.56 -25.85 1.06
N GLY B 43 -2.69 -25.26 0.25
CA GLY B 43 -2.31 -25.85 -1.03
C GLY B 43 -3.17 -25.50 -2.21
N VAL B 44 -4.24 -24.73 -2.01
CA VAL B 44 -5.06 -24.21 -3.10
C VAL B 44 -5.47 -22.80 -2.72
N TYR B 45 -5.86 -22.02 -3.72
CA TYR B 45 -6.43 -20.69 -3.50
C TYR B 45 -7.79 -20.79 -2.84
N ARG B 46 -8.10 -19.86 -1.96
CA ARG B 46 -9.41 -19.82 -1.34
C ARG B 46 -10.00 -18.43 -1.44
N ALA B 47 -11.30 -18.38 -1.70
CA ALA B 47 -12.04 -17.13 -1.57
C ALA B 47 -12.24 -16.85 -0.09
N VAL B 48 -12.05 -15.60 0.30
CA VAL B 48 -12.30 -15.23 1.69
C VAL B 48 -13.51 -14.32 1.84
N THR B 49 -13.94 -13.64 0.79
CA THR B 49 -15.21 -12.92 0.75
C THR B 49 -15.92 -13.24 -0.55
N PRO B 50 -17.15 -12.73 -0.72
CA PRO B 50 -17.92 -13.07 -1.94
C PRO B 50 -17.28 -12.55 -3.21
N LEU B 51 -16.35 -11.63 -3.09
CA LEU B 51 -15.59 -11.12 -4.22
C LEU B 51 -14.60 -12.16 -4.74
N GLY B 52 -14.33 -13.21 -3.99
CA GLY B 52 -13.21 -14.08 -4.28
C GLY B 52 -13.44 -15.30 -5.16
N PRO B 53 -14.62 -15.93 -5.13
CA PRO B 53 -14.77 -17.24 -5.80
C PRO B 53 -14.38 -17.18 -7.28
N PRO B 54 -14.80 -16.16 -8.03
CA PRO B 54 -14.37 -16.13 -9.44
C PRO B 54 -12.87 -16.10 -9.59
N ALA B 55 -12.14 -15.44 -8.69
CA ALA B 55 -10.68 -15.46 -8.77
C ALA B 55 -10.11 -16.82 -8.33
N ALA B 56 -10.51 -17.29 -7.15
CA ALA B 56 -9.93 -18.51 -6.62
C ALA B 56 -10.23 -19.71 -7.51
N GLU B 57 -11.48 -19.83 -7.95
CA GLU B 57 -11.84 -20.95 -8.83
C GLU B 57 -11.07 -20.90 -10.14
N TYR B 58 -10.86 -19.70 -10.67
CA TYR B 58 -10.12 -19.61 -11.93
C TYR B 58 -8.69 -20.11 -11.74
N TRP B 59 -8.00 -19.61 -10.72
CA TRP B 59 -6.59 -19.96 -10.53
C TRP B 59 -6.44 -21.43 -10.14
N ASN B 60 -7.38 -21.96 -9.36
CA ASN B 60 -7.32 -23.39 -9.04
C ASN B 60 -7.55 -24.26 -10.27
N SER B 61 -8.34 -23.78 -11.24
CA SER B 61 -8.60 -24.56 -12.44
C SER B 61 -7.46 -24.48 -13.45
N GLN B 62 -6.51 -23.58 -13.25
CA GLN B 62 -5.38 -23.42 -14.15
C GLN B 62 -4.20 -24.11 -13.49
N LYS B 63 -3.97 -25.37 -13.88
CA LYS B 63 -3.06 -26.21 -13.12
C LYS B 63 -1.65 -25.64 -13.11
N GLU B 64 -1.22 -25.02 -14.21
CA GLU B 64 0.12 -24.46 -14.22
C GLU B 64 0.21 -23.20 -13.34
N VAL B 65 -0.87 -22.43 -13.24
CA VAL B 65 -0.91 -21.34 -12.28
C VAL B 65 -0.84 -21.90 -10.86
N LEU B 66 -1.71 -22.86 -10.56
CA LEU B 66 -1.68 -23.50 -9.24
C LEU B 66 -0.30 -24.08 -8.94
N GLU B 67 0.24 -24.87 -9.87
CA GLU B 67 1.50 -25.54 -9.61
C GLU B 67 2.64 -24.54 -9.45
N ARG B 68 2.64 -23.48 -10.25
CA ARG B 68 3.68 -22.46 -10.12
C ARG B 68 3.61 -21.80 -8.75
N THR B 69 2.40 -21.49 -8.29
CA THR B 69 2.26 -20.88 -6.97
C THR B 69 2.78 -21.82 -5.89
N ARG B 70 2.41 -23.10 -5.95
CA ARG B 70 2.94 -24.03 -4.95
C ARG B 70 4.46 -24.04 -4.95
N ALA B 71 5.07 -23.99 -6.13
CA ALA B 71 6.53 -24.04 -6.20
C ALA B 71 7.18 -22.78 -5.62
N GLU B 72 6.46 -21.66 -5.53
CA GLU B 72 7.09 -20.41 -5.08
C GLU B 72 7.60 -20.50 -3.65
N LEU B 73 7.02 -21.38 -2.84
CA LEU B 73 7.56 -21.60 -1.51
C LEU B 73 9.07 -21.87 -1.58
N ASP B 74 9.50 -22.65 -2.57
CA ASP B 74 10.93 -22.88 -2.79
C ASP B 74 11.58 -21.85 -3.72
N THR B 75 10.96 -21.57 -4.86
CA THR B 75 11.66 -20.77 -5.86
C THR B 75 11.72 -19.28 -5.52
N VAL B 76 10.94 -18.81 -4.55
CA VAL B 76 10.99 -17.40 -4.12
C VAL B 76 11.32 -17.31 -2.63
N CYS B 77 10.47 -17.90 -1.77
CA CYS B 77 10.70 -17.72 -0.34
C CYS B 77 12.08 -18.20 0.07
N ARG B 78 12.35 -19.49 -0.13
CA ARG B 78 13.64 -20.02 0.27
C ARG B 78 14.75 -19.41 -0.57
N HIS B 79 14.51 -19.25 -1.87
CA HIS B 79 15.54 -18.69 -2.73
C HIS B 79 16.00 -17.31 -2.21
N ASN B 80 15.05 -16.41 -1.96
CA ASN B 80 15.42 -15.08 -1.51
C ASN B 80 16.00 -15.11 -0.08
N TYR B 81 15.57 -16.04 0.76
CA TYR B 81 16.09 -16.12 2.12
C TYR B 81 17.60 -16.35 2.11
N GLN B 82 18.07 -17.18 1.16
CA GLN B 82 19.51 -17.39 1.03
C GLN B 82 20.23 -16.08 0.77
N LEU B 83 19.58 -15.17 0.05
CA LEU B 83 20.17 -13.86 -0.23
C LEU B 83 20.09 -12.95 1.00
N GLU B 84 19.06 -13.11 1.83
CA GLU B 84 18.98 -12.38 3.09
C GLU B 84 20.09 -12.82 4.04
N LEU B 85 20.41 -14.10 4.00
CA LEU B 85 21.42 -14.66 4.90
C LEU B 85 22.79 -14.04 4.65
N ARG B 86 23.09 -13.65 3.42
CA ARG B 86 24.35 -13.01 3.07
C ARG B 86 24.41 -11.53 3.43
N THR B 87 23.26 -10.89 3.62
CA THR B 87 23.27 -9.44 3.79
C THR B 87 22.47 -9.05 5.02
N THR B 88 21.15 -8.96 4.86
CA THR B 88 20.29 -8.53 5.95
C THR B 88 20.64 -9.20 7.26
N LEU B 89 20.72 -10.54 7.25
CA LEU B 89 20.88 -11.27 8.50
C LEU B 89 22.28 -11.18 9.06
N GLN B 90 23.23 -10.55 8.35
CA GLN B 90 24.56 -10.25 8.89
C GLN B 90 24.74 -8.79 9.28
N ARG B 91 23.74 -7.93 9.05
CA ARG B 91 23.87 -6.52 9.40
C ARG B 91 23.94 -6.36 10.91
N ARG B 92 24.96 -5.64 11.37
CA ARG B 92 25.18 -5.40 12.79
C ARG B 92 25.50 -3.92 12.96
N VAL B 93 24.64 -3.19 13.68
CA VAL B 93 24.86 -1.78 13.98
C VAL B 93 24.85 -1.61 15.49
N GLU B 94 25.96 -1.12 16.04
CA GLU B 94 26.13 -1.03 17.49
C GLU B 94 25.23 0.08 18.08
N PRO B 95 24.60 -0.15 19.22
CA PRO B 95 23.77 0.90 19.80
C PRO B 95 24.60 2.02 20.41
N THR B 96 24.06 3.23 20.36
CA THR B 96 24.58 4.29 21.22
C THR B 96 23.68 4.39 22.45
N VAL B 97 24.31 4.56 23.61
CA VAL B 97 23.64 4.46 24.89
C VAL B 97 23.85 5.76 25.64
N THR B 98 22.75 6.36 26.11
CA THR B 98 22.79 7.63 26.84
C THR B 98 21.83 7.60 28.01
N ILE B 99 22.23 8.24 29.12
CA ILE B 99 21.34 8.40 30.27
C ILE B 99 21.06 9.89 30.48
N SER B 100 19.80 10.23 30.74
CA SER B 100 19.48 11.58 31.19
C SER B 100 18.28 11.51 32.11
N PRO B 101 18.21 12.36 33.12
CA PRO B 101 17.02 12.41 33.98
C PRO B 101 15.87 13.12 33.25
N SER B 102 14.64 12.77 33.63
CA SER B 102 13.46 13.25 32.88
C SER B 102 13.16 14.73 33.11
N THR B 104 14.59 16.83 36.53
CA THR B 104 15.38 18.03 36.81
C THR B 104 16.40 17.78 37.94
N GLU B 105 16.04 16.90 38.87
CA GLU B 105 16.95 16.29 39.85
C GLU B 105 17.16 17.14 41.09
N ALA B 106 16.48 16.75 42.16
CA ALA B 106 16.75 17.19 43.51
C ALA B 106 16.72 15.94 44.38
N LEU B 107 17.49 15.95 45.47
CA LEU B 107 17.80 14.69 46.12
C LEU B 107 16.55 13.88 46.48
N ASN B 108 15.90 14.16 47.61
CA ASN B 108 14.88 13.23 48.08
C ASN B 108 13.59 13.31 47.27
N HIS B 109 13.67 13.54 45.96
CA HIS B 109 12.49 13.78 45.13
C HIS B 109 12.46 12.85 43.93
N HIS B 110 11.32 12.17 43.77
CA HIS B 110 11.14 11.19 42.69
C HIS B 110 11.55 11.76 41.34
N ASN B 111 12.21 10.92 40.54
CA ASN B 111 12.62 11.30 39.20
C ASN B 111 12.59 10.05 38.33
N LEU B 112 12.77 10.25 37.04
CA LEU B 112 12.81 9.15 36.08
C LEU B 112 14.13 9.22 35.33
N LEU B 113 14.85 8.11 35.30
CA LEU B 113 16.13 8.05 34.59
C LEU B 113 15.88 7.34 33.27
N VAL B 114 16.18 8.00 32.17
CA VAL B 114 15.89 7.47 30.84
C VAL B 114 17.19 6.98 30.24
N CYS B 115 17.31 5.67 30.06
CA CYS B 115 18.40 5.09 29.28
C CYS B 115 17.93 5.03 27.83
N SER B 116 18.52 5.87 26.98
CA SER B 116 18.19 5.88 25.56
C SER B 116 19.13 4.92 24.84
N VAL B 117 18.57 3.91 24.19
CA VAL B 117 19.36 2.96 23.42
C VAL B 117 18.92 3.11 21.98
N THR B 118 19.76 3.74 21.15
CA THR B 118 19.33 4.19 19.83
C THR B 118 20.22 3.63 18.73
N ASP B 119 19.66 3.56 17.52
CA ASP B 119 20.40 3.32 16.29
C ASP B 119 21.09 1.95 16.27
N PHE B 120 20.34 0.91 16.62
CA PHE B 120 20.92 -0.43 16.57
C PHE B 120 20.13 -1.33 15.61
N TYR B 121 20.78 -2.41 15.18
CA TYR B 121 20.19 -3.45 14.34
C TYR B 121 21.07 -4.71 14.47
N PRO B 122 20.46 -5.89 14.60
CA PRO B 122 19.03 -6.17 14.58
C PRO B 122 18.31 -5.84 15.89
N ALA B 123 17.08 -6.33 16.00
CA ALA B 123 16.15 -5.88 17.03
C ALA B 123 16.46 -6.46 18.40
N GLN B 124 17.07 -7.64 18.45
CA GLN B 124 17.38 -8.30 19.73
C GLN B 124 18.33 -7.45 20.55
N ILE B 125 17.91 -7.14 21.78
CA ILE B 125 18.70 -6.30 22.67
C ILE B 125 18.32 -6.62 24.11
N LYS B 126 19.26 -6.44 25.02
CA LYS B 126 19.02 -6.57 26.45
C LYS B 126 19.54 -5.32 27.16
N VAL B 127 18.67 -4.68 27.93
CA VAL B 127 18.97 -3.44 28.63
C VAL B 127 18.61 -3.64 30.10
N ARG B 128 19.58 -3.46 30.99
CA ARG B 128 19.38 -3.67 32.42
C ARG B 128 19.83 -2.45 33.20
N TRP B 129 19.06 -2.09 34.22
CA TRP B 129 19.41 -1.02 35.13
C TRP B 129 19.99 -1.61 36.40
N PHE B 130 20.99 -0.93 36.94
CA PHE B 130 21.57 -1.28 38.23
C PHE B 130 21.59 -0.06 39.12
N ARG B 131 21.31 -0.28 40.39
CA ARG B 131 21.49 0.72 41.43
C ARG B 131 22.64 0.20 42.27
N ASN B 132 23.77 0.90 42.23
CA ASN B 132 24.99 0.38 42.81
C ASN B 132 25.16 -1.01 42.21
N ASP B 133 25.34 -2.07 43.01
CA ASP B 133 25.50 -3.40 42.43
C ASP B 133 24.22 -4.23 42.42
N GLN B 134 23.06 -3.62 42.69
CA GLN B 134 21.78 -4.32 42.68
C GLN B 134 21.04 -4.08 41.37
N GLU B 135 20.64 -5.17 40.70
CA GLU B 135 19.85 -5.05 39.47
C GLU B 135 18.43 -4.62 39.79
N GLU B 136 17.94 -3.59 39.09
CA GLU B 136 16.60 -3.06 39.27
C GLU B 136 15.57 -3.89 38.50
N THR B 137 14.74 -4.63 39.23
CA THR B 137 13.68 -5.44 38.63
C THR B 137 12.27 -4.94 38.89
N THR B 138 12.11 -3.77 39.49
CA THR B 138 10.82 -3.09 39.51
C THR B 138 11.06 -1.62 39.26
N GLY B 139 9.99 -0.87 38.99
CA GLY B 139 10.13 0.53 38.64
C GLY B 139 10.72 0.78 37.27
N VAL B 140 10.86 -0.24 36.44
CA VAL B 140 11.37 -0.08 35.09
C VAL B 140 10.20 -0.01 34.14
N VAL B 141 10.14 1.06 33.37
CA VAL B 141 9.11 1.28 32.36
C VAL B 141 9.81 1.52 31.02
N SER B 142 9.53 0.67 30.06
CA SER B 142 10.21 0.68 28.78
C SER B 142 9.22 1.01 27.67
N THR B 143 9.66 1.80 26.69
CA THR B 143 8.86 1.94 25.49
C THR B 143 8.82 0.60 24.76
N PRO B 144 7.89 0.43 23.83
CA PRO B 144 8.04 -0.67 22.88
C PRO B 144 9.29 -0.44 22.05
N LEU B 145 9.74 -1.50 21.40
CA LEU B 145 10.77 -1.35 20.38
C LEU B 145 10.29 -0.35 19.33
N ILE B 146 11.11 0.65 19.01
CA ILE B 146 10.71 1.71 18.08
C ILE B 146 11.45 1.49 16.76
N ARG B 147 10.68 1.36 15.69
CA ARG B 147 11.22 1.16 14.35
C ARG B 147 11.42 2.51 13.67
N ASN B 148 12.68 2.83 13.34
CA ASN B 148 12.97 4.13 12.77
C ASN B 148 12.70 4.20 11.27
N GLY B 149 12.57 3.06 10.61
CA GLY B 149 12.32 3.00 9.18
C GLY B 149 13.56 3.00 8.31
N ASP B 150 14.74 3.22 8.89
CA ASP B 150 16.00 3.26 8.16
C ASP B 150 16.87 2.04 8.51
N TRP B 151 16.22 0.92 8.85
CA TRP B 151 16.93 -0.29 9.25
C TRP B 151 17.72 -0.08 10.56
N THR B 152 17.20 0.76 11.44
CA THR B 152 17.65 0.79 12.84
C THR B 152 16.43 0.88 13.74
N PHE B 153 16.65 0.54 15.01
CA PHE B 153 15.66 0.63 16.08
C PHE B 153 16.19 1.53 17.19
N GLN B 154 15.29 1.85 18.10
CA GLN B 154 15.68 2.47 19.35
C GLN B 154 14.69 2.02 20.40
N ILE B 155 15.10 2.14 21.66
CA ILE B 155 14.21 1.84 22.77
C ILE B 155 14.62 2.72 23.94
N LEU B 156 13.64 3.16 24.71
CA LEU B 156 13.88 3.99 25.88
C LEU B 156 13.47 3.18 27.09
N VAL B 157 14.37 3.00 28.05
CA VAL B 157 14.11 2.18 29.22
C VAL B 157 14.23 3.12 30.41
N MET B 158 13.12 3.35 31.11
CA MET B 158 13.04 4.37 32.14
C MET B 158 13.02 3.70 33.51
N LEU B 159 13.72 4.32 34.45
CA LEU B 159 13.79 3.81 35.81
C LEU B 159 13.16 4.82 36.75
N GLU B 160 12.11 4.41 37.46
CA GLU B 160 11.53 5.22 38.51
C GLU B 160 12.42 5.09 39.74
N MET B 161 12.94 6.21 40.23
CA MET B 161 13.92 6.17 41.30
C MET B 161 13.83 7.47 42.09
N THR B 162 14.60 7.53 43.17
CA THR B 162 14.71 8.74 43.98
C THR B 162 16.20 8.99 44.20
N PRO B 163 16.75 10.08 43.67
CA PRO B 163 18.17 10.36 43.87
C PRO B 163 18.50 10.48 45.35
N GLN B 164 19.42 9.65 45.81
CA GLN B 164 20.00 9.83 47.13
C GLN B 164 21.52 9.88 46.96
N ARG B 165 22.19 10.56 47.87
CA ARG B 165 23.64 10.55 47.82
C ARG B 165 24.11 9.25 48.44
N GLY B 166 25.18 8.65 47.95
CA GLY B 166 25.83 8.97 46.69
C GLY B 166 25.63 7.73 45.82
N ASP B 167 24.38 7.50 45.46
CA ASP B 167 24.04 6.36 44.62
C ASP B 167 24.59 6.53 43.21
N VAL B 168 24.91 5.41 42.59
CA VAL B 168 25.42 5.36 41.24
C VAL B 168 24.54 4.41 40.46
N TYR B 169 24.03 4.88 39.32
CA TYR B 169 23.15 4.09 38.47
C TYR B 169 23.87 3.79 37.16
N THR B 170 23.66 2.57 36.66
CA THR B 170 24.27 2.15 35.40
C THR B 170 23.24 1.43 34.54
N CYS B 171 23.28 1.75 33.25
CA CYS B 171 22.53 1.07 32.22
C CYS B 171 23.49 0.14 31.47
N HIS B 172 23.18 -1.17 31.46
CA HIS B 172 24.02 -2.19 30.84
C HIS B 172 23.34 -2.71 29.58
N VAL B 173 24.04 -2.64 28.45
CA VAL B 173 23.42 -2.95 27.16
C VAL B 173 24.16 -4.10 26.51
N GLU B 174 23.43 -5.15 26.15
CA GLU B 174 23.96 -6.28 25.40
C GLU B 174 23.26 -6.36 24.05
N HIS B 175 24.03 -6.67 23.00
CA HIS B 175 23.50 -6.68 21.64
C HIS B 175 24.41 -7.53 20.76
N PRO B 176 23.87 -8.20 19.74
CA PRO B 176 24.75 -9.08 18.92
C PRO B 176 25.87 -8.33 18.23
N SER B 177 25.78 -7.01 18.12
CA SER B 177 26.87 -6.26 17.53
C SER B 177 28.03 -6.04 18.50
N LEU B 178 27.86 -6.31 19.80
CA LEU B 178 28.80 -5.93 20.83
C LEU B 178 29.52 -7.15 21.39
N GLN B 179 30.85 -7.15 21.31
CA GLN B 179 31.65 -8.20 21.94
C GLN B 179 31.57 -8.10 23.45
N ASN B 180 31.59 -6.89 24.00
CA ASN B 180 31.41 -6.69 25.43
C ASN B 180 30.26 -5.73 25.67
N PRO B 181 29.54 -5.88 26.78
CA PRO B 181 28.42 -4.96 27.02
C PRO B 181 28.88 -3.51 27.13
N ILE B 182 27.98 -2.60 26.76
CA ILE B 182 28.19 -1.18 27.02
C ILE B 182 27.64 -0.89 28.41
N ILE B 183 28.41 -0.18 29.23
CA ILE B 183 27.94 0.23 30.54
C ILE B 183 28.02 1.75 30.61
N VAL B 184 26.89 2.39 30.82
CA VAL B 184 26.85 3.84 30.99
C VAL B 184 26.33 4.15 32.38
N GLU B 185 26.97 5.09 33.05
CA GLU B 185 26.57 5.37 34.42
C GLU B 185 26.14 6.81 34.62
N TRP B 186 25.24 6.97 35.59
CA TRP B 186 24.74 8.26 36.04
C TRP B 186 24.91 8.34 37.56
N ARG B 187 25.55 9.40 38.04
CA ARG B 187 25.82 9.52 39.47
C ARG B 187 24.91 10.58 40.06
N ALA B 188 24.27 10.28 41.17
CA ALA B 188 23.44 11.27 41.84
C ALA B 188 24.35 12.38 42.36
N GLN B 189 23.90 13.63 42.22
CA GLN B 189 24.74 14.80 42.47
C GLN B 189 26.22 14.59 42.06
N VAL C 2 23.36 -13.91 -7.79
CA VAL C 2 22.04 -14.49 -7.80
C VAL C 2 21.00 -13.37 -7.71
N GLU C 3 19.98 -13.43 -8.58
CA GLU C 3 19.01 -12.35 -8.61
C GLU C 3 17.88 -12.66 -7.64
N GLU C 4 17.30 -11.61 -7.04
CA GLU C 4 16.09 -11.77 -6.26
C GLU C 4 14.96 -12.22 -7.19
N LEU C 5 14.09 -13.08 -6.68
CA LEU C 5 12.85 -13.40 -7.39
C LEU C 5 11.66 -12.82 -6.62
N TYR C 6 10.47 -13.07 -7.14
CA TYR C 6 9.29 -12.42 -6.61
C TYR C 6 8.09 -13.31 -6.83
N LEU C 7 7.03 -13.03 -6.07
CA LEU C 7 5.78 -13.76 -6.18
C LEU C 7 4.91 -13.14 -7.25
N VAL C 8 4.45 -13.96 -8.18
CA VAL C 8 3.69 -13.51 -9.33
C VAL C 8 2.24 -13.32 -8.93
N ALA C 9 1.68 -12.15 -9.27
CA ALA C 9 0.27 -11.88 -8.99
C ALA C 9 -0.61 -12.67 -9.94
N GLY C 10 -1.52 -13.48 -9.39
CA GLY C 10 -2.52 -14.11 -10.25
C GLY C 10 -3.35 -13.07 -10.96
N GLU C 11 -3.75 -13.38 -12.19
CA GLU C 11 -4.50 -12.43 -13.00
C GLU C 11 -5.94 -12.87 -13.09
N GLU C 12 -6.86 -11.95 -12.77
CA GLU C 12 -8.27 -12.28 -12.88
C GLU C 12 -8.66 -12.45 -14.34
N GLY C 13 -9.66 -13.29 -14.58
CA GLY C 13 -10.18 -13.49 -15.92
C GLY C 13 -11.55 -12.84 -16.01
N CYS C 14 -11.65 -11.65 -16.53
CA CYS C 14 -12.93 -11.01 -16.61
C CYS C 14 -13.01 -10.24 -17.89
N GLY C 15 -14.22 -10.05 -18.34
CA GLY C 15 -14.47 -9.32 -19.55
C GLY C 15 -13.90 -7.95 -19.53
N GLY C 16 -13.20 -7.60 -20.58
CA GLY C 16 -12.60 -6.30 -20.66
C GLY C 16 -13.54 -5.29 -21.26
N GLU D 2 -17.73 3.38 10.38
CA GLU D 2 -16.44 3.54 9.73
C GLU D 2 -16.55 3.43 8.19
N ASP D 3 -16.95 2.28 7.67
CA ASP D 3 -17.10 2.17 6.21
C ASP D 3 -18.31 2.95 5.66
N ILE D 4 -19.34 3.19 6.47
CA ILE D 4 -20.57 3.84 6.02
C ILE D 4 -20.64 5.25 6.60
N VAL D 5 -20.83 6.25 5.73
CA VAL D 5 -20.88 7.65 6.12
C VAL D 5 -22.30 8.02 6.56
N ALA D 6 -22.42 8.67 7.71
CA ALA D 6 -23.70 9.02 8.29
C ALA D 6 -23.50 10.18 9.26
N ASP D 7 -24.58 10.93 9.51
CA ASP D 7 -24.52 11.99 10.52
C ASP D 7 -24.41 11.40 11.93
N HIS D 8 -25.08 10.27 12.17
CA HIS D 8 -25.06 9.63 13.49
C HIS D 8 -25.06 8.12 13.28
N VAL D 9 -24.42 7.41 14.21
CA VAL D 9 -24.35 5.95 14.17
C VAL D 9 -24.73 5.43 15.55
N ALA D 10 -25.69 4.50 15.58
CA ALA D 10 -26.09 3.87 16.83
C ALA D 10 -25.87 2.37 16.72
N SER D 11 -25.51 1.77 17.85
CA SER D 11 -25.53 0.32 18.01
C SER D 11 -26.67 0.03 18.98
N TYR D 12 -27.77 -0.50 18.47
CA TYR D 12 -28.91 -0.75 19.34
C TYR D 12 -28.91 -2.25 19.54
N GLY D 13 -27.82 -2.66 20.17
CA GLY D 13 -27.31 -3.94 20.46
C GLY D 13 -25.87 -4.06 20.03
N VAL D 14 -24.91 -3.71 20.89
CA VAL D 14 -23.61 -4.35 20.86
C VAL D 14 -23.72 -5.55 21.79
N ASN D 15 -23.64 -6.76 21.22
CA ASN D 15 -23.86 -8.01 21.93
C ASN D 15 -22.56 -8.79 21.91
N LEU D 16 -22.14 -9.28 23.08
CA LEU D 16 -20.88 -10.00 23.17
C LEU D 16 -21.12 -11.23 24.03
N TYR D 17 -20.61 -12.37 23.58
CA TYR D 17 -20.58 -13.57 24.41
C TYR D 17 -19.27 -14.31 24.15
N GLN D 18 -18.64 -14.78 25.22
CA GLN D 18 -17.30 -15.35 25.16
C GLN D 18 -17.22 -16.66 25.94
N SER D 19 -16.48 -17.65 25.41
CA SER D 19 -16.36 -18.92 26.13
C SER D 19 -15.53 -18.76 27.40
N TYR D 20 -14.59 -17.83 27.41
CA TYR D 20 -13.75 -17.63 28.59
C TYR D 20 -14.55 -16.94 29.69
N GLY D 21 -14.76 -17.64 30.80
CA GLY D 21 -15.63 -17.16 31.85
C GLY D 21 -16.63 -18.23 32.23
N PRO D 22 -17.67 -18.44 31.39
CA PRO D 22 -17.90 -17.61 30.19
C PRO D 22 -18.47 -16.29 30.62
N SER D 23 -18.54 -15.32 29.71
CA SER D 23 -19.06 -14.01 30.08
C SER D 23 -19.65 -13.35 28.86
N GLY D 24 -20.47 -12.33 29.11
CA GLY D 24 -21.12 -11.61 28.04
C GLY D 24 -21.20 -10.13 28.35
N GLN D 25 -21.67 -9.37 27.37
CA GLN D 25 -21.92 -7.96 27.57
C GLN D 25 -23.03 -7.53 26.63
N TYR D 26 -23.93 -6.66 27.12
CA TYR D 26 -24.94 -6.05 26.26
C TYR D 26 -24.97 -4.56 26.53
N SER D 27 -24.83 -3.76 25.48
CA SER D 27 -24.84 -2.32 25.64
C SER D 27 -25.41 -1.68 24.38
N HIS D 28 -25.86 -0.45 24.51
CA HIS D 28 -26.22 0.39 23.39
C HIS D 28 -25.25 1.55 23.32
N GLU D 29 -24.88 1.96 22.09
CA GLU D 29 -23.94 3.05 21.86
C GLU D 29 -24.54 4.06 20.91
N PHE D 30 -24.19 5.34 21.09
CA PHE D 30 -24.63 6.38 20.16
C PHE D 30 -23.46 7.31 19.88
N ASP D 31 -23.11 7.46 18.61
CA ASP D 31 -21.95 8.28 18.22
C ASP D 31 -20.74 7.94 19.09
N GLY D 32 -20.52 6.67 19.33
CA GLY D 32 -19.30 6.21 19.96
C GLY D 32 -19.27 6.20 21.48
N ASP D 33 -20.36 6.56 22.16
CA ASP D 33 -20.40 6.56 23.62
C ASP D 33 -21.46 5.57 24.08
N GLU D 34 -21.25 5.00 25.27
CA GLU D 34 -22.10 3.93 25.77
C GLU D 34 -23.30 4.54 26.50
N GLU D 35 -24.51 4.24 26.02
CA GLU D 35 -25.71 4.75 26.67
C GLU D 35 -26.03 3.98 27.94
N PHE D 36 -25.90 2.66 27.88
CA PHE D 36 -26.12 1.80 29.04
C PHE D 36 -25.47 0.47 28.75
N TYR D 37 -25.24 -0.30 29.83
CA TYR D 37 -25.02 -1.71 29.72
C TYR D 37 -26.02 -2.40 30.64
N VAL D 38 -26.26 -3.67 30.38
CA VAL D 38 -27.14 -4.49 31.22
C VAL D 38 -26.28 -5.41 32.07
N ASP D 39 -26.42 -5.28 33.39
CA ASP D 39 -25.81 -6.23 34.29
C ASP D 39 -26.54 -7.56 34.13
N LEU D 40 -25.90 -8.53 33.47
CA LEU D 40 -26.61 -9.77 33.12
C LEU D 40 -26.87 -10.64 34.35
N GLU D 41 -26.04 -10.52 35.38
CA GLU D 41 -26.26 -11.27 36.62
C GLU D 41 -27.43 -10.70 37.42
N ARG D 42 -27.47 -9.37 37.58
CA ARG D 42 -28.51 -8.72 38.37
C ARG D 42 -29.73 -8.36 37.55
N LYS D 43 -29.69 -8.52 36.24
CA LYS D 43 -30.82 -8.22 35.36
C LYS D 43 -31.22 -6.76 35.52
N GLU D 44 -30.24 -5.87 35.41
CA GLU D 44 -30.43 -4.44 35.64
C GLU D 44 -29.80 -3.63 34.53
N THR D 45 -30.55 -2.67 34.02
CA THR D 45 -30.04 -1.71 33.05
C THR D 45 -29.30 -0.60 33.78
N VAL D 46 -28.07 -0.33 33.36
CA VAL D 46 -27.22 0.64 34.04
C VAL D 46 -26.89 1.73 33.04
N TRP D 47 -27.65 2.82 33.08
CA TRP D 47 -27.44 3.96 32.19
C TRP D 47 -26.25 4.79 32.66
N GLN D 48 -25.60 5.45 31.69
CA GLN D 48 -24.32 6.10 31.91
C GLN D 48 -24.42 7.60 32.13
N LEU D 49 -25.61 8.18 32.07
CA LEU D 49 -25.78 9.59 32.35
C LEU D 49 -27.00 9.79 33.24
N PRO D 50 -26.95 10.78 34.13
CA PRO D 50 -28.18 11.14 34.87
C PRO D 50 -29.35 11.45 33.97
N LEU D 51 -29.12 12.19 32.88
CA LEU D 51 -30.18 12.44 31.90
C LEU D 51 -30.86 11.14 31.51
N PHE D 52 -30.07 10.12 31.17
CA PHE D 52 -30.64 8.87 30.71
C PHE D 52 -31.37 8.14 31.84
N ARG D 53 -30.76 8.09 33.02
CA ARG D 53 -31.39 7.39 34.14
C ARG D 53 -32.76 7.97 34.46
N ARG D 54 -33.00 9.25 34.15
CA ARG D 54 -34.29 9.86 34.46
C ARG D 54 -35.33 9.62 33.36
N PHE D 55 -34.94 9.72 32.10
CA PHE D 55 -35.90 9.84 31.02
C PHE D 55 -35.89 8.72 29.99
N ARG D 56 -35.06 7.68 30.16
CA ARG D 56 -35.03 6.55 29.25
C ARG D 56 -35.26 5.27 30.03
N ARG D 57 -35.78 4.25 29.34
CA ARG D 57 -36.05 2.96 29.97
C ARG D 57 -35.73 1.84 28.99
N PHE D 58 -35.04 0.80 29.46
CA PHE D 58 -34.76 -0.36 28.62
C PHE D 58 -34.96 -1.62 29.44
N ASP D 59 -35.78 -2.52 28.93
CA ASP D 59 -36.10 -3.75 29.63
C ASP D 59 -34.91 -4.71 29.62
N PRO D 60 -34.26 -4.95 30.75
CA PRO D 60 -33.05 -5.79 30.73
C PRO D 60 -33.30 -7.21 30.23
N GLN D 61 -34.54 -7.71 30.30
CA GLN D 61 -34.83 -9.03 29.77
C GLN D 61 -34.54 -9.12 28.28
N PHE D 62 -34.68 -7.99 27.56
CA PHE D 62 -34.30 -8.00 26.14
C PHE D 62 -32.85 -8.44 25.98
N ALA D 63 -31.94 -7.91 26.81
CA ALA D 63 -30.53 -8.26 26.72
C ALA D 63 -30.31 -9.73 27.07
N LEU D 64 -30.93 -10.21 28.12
CA LEU D 64 -30.77 -11.57 28.53
C LEU D 64 -31.13 -12.50 27.37
N THR D 65 -32.26 -12.22 26.75
CA THR D 65 -32.75 -12.97 25.63
C THR D 65 -31.77 -12.96 24.44
N ASN D 66 -31.27 -11.80 24.04
CA ASN D 66 -30.34 -11.76 22.92
C ASN D 66 -29.07 -12.53 23.28
N ILE D 67 -28.51 -12.31 24.46
CA ILE D 67 -27.30 -12.98 24.85
C ILE D 67 -27.48 -14.50 24.83
N ALA D 68 -28.66 -14.95 25.21
CA ALA D 68 -28.96 -16.38 25.13
C ALA D 68 -28.83 -16.90 23.71
N VAL D 69 -29.25 -16.09 22.73
CA VAL D 69 -29.06 -16.45 21.33
C VAL D 69 -27.59 -16.53 20.98
N LEU D 70 -26.78 -15.55 21.42
CA LEU D 70 -25.35 -15.60 21.10
C LEU D 70 -24.69 -16.86 21.62
N LYS D 71 -25.06 -17.32 22.82
CA LYS D 71 -24.49 -18.57 23.33
C LYS D 71 -24.73 -19.72 22.37
N HIS D 72 -25.95 -19.83 21.84
CA HIS D 72 -26.24 -20.90 20.89
C HIS D 72 -25.45 -20.70 19.61
N ASN D 73 -25.47 -19.47 19.07
CA ASN D 73 -24.75 -19.20 17.83
C ASN D 73 -23.26 -19.52 17.99
N LEU D 74 -22.66 -19.18 19.13
CA LEU D 74 -21.24 -19.42 19.32
C LEU D 74 -20.91 -20.90 19.13
N ASN D 75 -21.72 -21.79 19.71
CA ASN D 75 -21.43 -23.21 19.55
C ASN D 75 -21.55 -23.64 18.09
N CYS D 76 -22.50 -23.06 17.35
CA CYS D 76 -22.62 -23.43 15.94
C CYS D 76 -21.36 -23.04 15.15
N VAL D 77 -20.83 -21.84 15.38
CA VAL D 77 -19.68 -21.39 14.59
C VAL D 77 -18.37 -21.98 15.12
N ILE D 78 -18.30 -22.30 16.41
CA ILE D 78 -17.17 -23.09 16.90
C ILE D 78 -17.06 -24.38 16.10
N LYS D 79 -18.18 -25.09 15.92
CA LYS D 79 -18.15 -26.33 15.15
C LYS D 79 -17.83 -26.08 13.69
N ARG D 80 -18.54 -25.14 13.07
CA ARG D 80 -18.37 -24.92 11.63
C ARG D 80 -16.97 -24.44 11.31
N SER D 81 -16.26 -23.85 12.28
CA SER D 81 -14.90 -23.37 12.05
C SER D 81 -13.83 -24.37 12.49
N ASN D 82 -14.21 -25.60 12.83
CA ASN D 82 -13.31 -26.58 13.44
C ASN D 82 -12.53 -25.98 14.62
N SER D 83 -13.27 -25.33 15.54
CA SER D 83 -12.71 -24.80 16.78
C SER D 83 -11.55 -23.83 16.54
N THR D 84 -11.75 -22.88 15.62
CA THR D 84 -10.77 -21.81 15.45
C THR D 84 -10.91 -20.82 16.60
N ALA D 85 -9.86 -20.68 17.39
CA ALA D 85 -9.90 -19.84 18.58
C ALA D 85 -9.57 -18.39 18.22
N ALA D 86 -9.90 -17.48 19.14
CA ALA D 86 -9.59 -16.07 18.93
C ALA D 86 -8.08 -15.84 18.90
N THR D 87 -7.67 -14.90 18.05
CA THR D 87 -6.29 -14.45 17.94
C THR D 87 -6.06 -13.28 18.88
N ASN D 88 -4.96 -13.32 19.65
CA ASN D 88 -4.62 -12.23 20.55
C ASN D 88 -4.03 -11.06 19.77
N GLU D 89 -4.59 -9.86 19.98
CA GLU D 89 -4.00 -8.64 19.45
C GLU D 89 -3.19 -7.95 20.55
N VAL D 90 -2.32 -7.03 20.15
CA VAL D 90 -1.51 -6.26 21.08
C VAL D 90 -2.24 -4.96 21.41
N PRO D 91 -2.61 -4.73 22.67
CA PRO D 91 -3.30 -3.48 23.02
C PRO D 91 -2.37 -2.28 22.93
N GLU D 92 -2.95 -1.10 22.70
CA GLU D 92 -2.23 0.17 22.70
C GLU D 92 -2.78 1.05 23.81
N VAL D 93 -1.89 1.53 24.68
CA VAL D 93 -2.27 2.20 25.91
C VAL D 93 -1.82 3.66 25.86
N THR D 94 -2.73 4.57 26.24
CA THR D 94 -2.44 6.00 26.31
C THR D 94 -2.96 6.52 27.64
N VAL D 95 -2.21 7.41 28.29
CA VAL D 95 -2.60 7.97 29.58
C VAL D 95 -2.60 9.49 29.46
N PHE D 96 -3.67 10.12 29.96
CA PHE D 96 -3.80 11.58 29.94
C PHE D 96 -4.73 11.99 31.08
N SER D 97 -4.71 13.27 31.41
CA SER D 97 -5.57 13.74 32.48
C SER D 97 -6.88 14.27 31.92
N LYS D 98 -7.93 14.27 32.75
CA LYS D 98 -9.20 14.82 32.33
C LYS D 98 -9.12 16.34 32.16
N SER D 99 -8.39 17.01 33.05
CA SER D 99 -8.29 18.46 33.08
C SER D 99 -6.81 18.83 33.19
N PRO D 100 -6.47 20.08 32.87
CA PRO D 100 -5.11 20.56 33.19
C PRO D 100 -4.86 20.37 34.67
N VAL D 101 -3.62 20.04 35.01
CA VAL D 101 -3.31 19.61 36.37
C VAL D 101 -2.80 20.79 37.18
N THR D 102 -3.36 20.97 38.38
CA THR D 102 -2.81 21.91 39.36
C THR D 102 -2.71 21.18 40.70
N LEU D 103 -1.57 21.33 41.37
CA LEU D 103 -1.35 20.64 42.63
C LEU D 103 -2.44 20.98 43.63
N GLY D 104 -2.92 19.96 44.35
CA GLY D 104 -3.94 20.15 45.35
C GLY D 104 -5.36 20.29 44.83
N GLN D 105 -5.56 20.29 43.52
CA GLN D 105 -6.89 20.38 42.93
C GLN D 105 -7.31 19.02 42.38
N PRO D 106 -8.35 18.40 42.92
CA PRO D 106 -8.75 17.05 42.45
C PRO D 106 -8.87 16.99 40.94
N ASN D 107 -8.45 15.85 40.38
CA ASN D 107 -8.42 15.63 38.94
C ASN D 107 -8.68 14.16 38.69
N THR D 108 -8.63 13.75 37.41
CA THR D 108 -8.86 12.35 37.05
C THR D 108 -7.83 11.94 36.02
N LEU D 109 -7.17 10.81 36.24
CA LEU D 109 -6.31 10.23 35.21
C LEU D 109 -7.16 9.28 34.37
N ILE D 110 -6.89 9.29 33.07
CA ILE D 110 -7.63 8.48 32.10
C ILE D 110 -6.64 7.55 31.41
N CYS D 111 -6.91 6.26 31.44
CA CYS D 111 -6.07 5.27 30.75
C CYS D 111 -6.90 4.65 29.64
N LEU D 112 -6.56 4.98 28.40
CA LEU D 112 -7.21 4.42 27.22
C LEU D 112 -6.47 3.16 26.79
N VAL D 113 -7.18 2.03 26.82
CA VAL D 113 -6.63 0.76 26.35
C VAL D 113 -7.38 0.39 25.07
N ASP D 114 -6.69 0.51 23.94
CA ASP D 114 -7.24 0.40 22.60
C ASP D 114 -6.80 -0.92 21.97
N ASN D 115 -7.50 -1.32 20.91
CA ASN D 115 -7.18 -2.54 20.16
C ASN D 115 -7.14 -3.76 21.07
N ILE D 116 -8.18 -3.93 21.89
CA ILE D 116 -8.28 -5.07 22.79
C ILE D 116 -8.98 -6.21 22.06
N PHE D 117 -8.28 -7.33 21.90
CA PHE D 117 -8.94 -8.56 21.50
C PHE D 117 -8.08 -9.76 21.85
N PRO D 118 -8.69 -10.80 22.45
CA PRO D 118 -10.11 -10.84 22.83
C PRO D 118 -10.42 -9.92 24.00
N PRO D 119 -11.71 -9.65 24.27
CA PRO D 119 -12.09 -8.70 25.34
C PRO D 119 -11.95 -9.31 26.73
N VAL D 120 -10.69 -9.54 27.12
CA VAL D 120 -10.33 -9.97 28.47
C VAL D 120 -9.08 -9.20 28.84
N VAL D 121 -9.13 -8.43 29.92
CA VAL D 121 -8.04 -7.50 30.19
C VAL D 121 -8.07 -7.17 31.67
N ASN D 122 -6.88 -6.91 32.22
CA ASN D 122 -6.73 -6.26 33.52
C ASN D 122 -6.13 -4.88 33.33
N ILE D 123 -6.80 -3.87 33.83
CA ILE D 123 -6.30 -2.51 33.83
C ILE D 123 -6.21 -2.08 35.29
N THR D 124 -5.01 -1.78 35.74
CA THR D 124 -4.83 -1.31 37.11
C THR D 124 -3.89 -0.11 37.15
N TRP D 125 -3.94 0.60 38.26
CA TRP D 125 -3.16 1.81 38.41
C TRP D 125 -2.07 1.59 39.45
N LEU D 126 -0.90 2.17 39.19
CA LEU D 126 0.22 2.12 40.11
C LEU D 126 0.58 3.54 40.53
N SER D 127 0.71 3.74 41.84
CA SER D 127 1.15 4.99 42.43
C SER D 127 2.49 4.74 43.11
N ASN D 128 3.54 5.39 42.60
CA ASN D 128 4.89 5.16 43.09
C ASN D 128 5.21 3.66 43.10
N GLY D 129 4.77 2.96 42.05
CA GLY D 129 5.01 1.54 41.93
C GLY D 129 4.07 0.63 42.69
N HIS D 130 3.20 1.17 43.54
CA HIS D 130 2.28 0.39 44.37
C HIS D 130 0.89 0.40 43.75
N SER D 131 0.17 -0.72 43.88
CA SER D 131 -1.16 -0.84 43.30
C SER D 131 -2.15 0.06 44.02
N VAL D 132 -2.95 0.79 43.24
CA VAL D 132 -3.99 1.69 43.77
C VAL D 132 -5.35 1.02 43.56
N THR D 133 -6.16 1.01 44.61
CA THR D 133 -7.50 0.43 44.53
C THR D 133 -8.62 1.44 44.71
N GLU D 134 -8.34 2.62 45.24
CA GLU D 134 -9.37 3.58 45.61
C GLU D 134 -9.45 4.64 44.51
N GLY D 135 -10.68 5.07 44.20
CA GLY D 135 -10.87 6.05 43.15
C GLY D 135 -10.78 5.51 41.74
N VAL D 136 -10.92 4.19 41.54
CA VAL D 136 -10.73 3.56 40.23
C VAL D 136 -12.08 3.06 39.72
N SER D 137 -12.38 3.38 38.45
CA SER D 137 -13.56 2.88 37.75
C SER D 137 -13.17 2.67 36.28
N GLU D 138 -14.09 2.06 35.52
CA GLU D 138 -13.79 1.83 34.10
C GLU D 138 -15.09 1.68 33.31
N THR D 139 -14.99 1.98 32.01
CA THR D 139 -16.10 1.76 31.11
C THR D 139 -16.28 0.25 30.86
N SER D 140 -17.38 -0.09 30.18
CA SER D 140 -17.49 -1.41 29.56
C SER D 140 -16.50 -1.52 28.41
N PHE D 141 -16.51 -2.68 27.72
CA PHE D 141 -15.84 -2.77 26.42
C PHE D 141 -16.67 -2.00 25.39
N LEU D 142 -16.03 -1.03 24.74
CA LEU D 142 -16.66 -0.20 23.72
C LEU D 142 -16.27 -0.72 22.35
N SER D 143 -17.23 -0.76 21.44
CA SER D 143 -17.01 -1.45 20.17
C SER D 143 -16.18 -0.62 19.21
N LYS D 144 -15.53 -1.31 18.27
CA LYS D 144 -14.77 -0.70 17.19
C LYS D 144 -15.20 -1.37 15.88
N SER D 145 -15.06 -0.63 14.77
CA SER D 145 -15.57 -1.16 13.51
C SER D 145 -14.75 -2.33 12.97
N ASP D 146 -13.53 -2.54 13.47
CA ASP D 146 -12.80 -3.75 13.13
C ASP D 146 -13.10 -4.88 14.10
N HIS D 147 -14.08 -4.70 14.97
CA HIS D 147 -14.59 -5.71 15.90
C HIS D 147 -13.59 -6.05 16.99
N SER D 148 -12.54 -5.25 17.16
CA SER D 148 -11.84 -5.25 18.43
C SER D 148 -12.61 -4.35 19.38
N PHE D 149 -12.06 -4.09 20.56
CA PHE D 149 -12.72 -3.23 21.53
C PHE D 149 -11.73 -2.23 22.10
N PHE D 150 -12.27 -1.20 22.75
CA PHE D 150 -11.46 -0.41 23.64
C PHE D 150 -12.16 -0.27 24.99
N LYS D 151 -11.38 0.12 25.98
CA LYS D 151 -11.85 0.23 27.35
C LYS D 151 -11.05 1.35 27.98
N ILE D 152 -11.70 2.11 28.85
CA ILE D 152 -11.10 3.28 29.48
C ILE D 152 -11.21 3.13 30.99
N SER D 153 -10.09 3.30 31.69
CA SER D 153 -10.05 3.26 33.15
C SER D 153 -9.79 4.65 33.68
N TYR D 154 -10.36 4.97 34.84
CA TYR D 154 -10.29 6.30 35.45
C TYR D 154 -9.73 6.19 36.86
N LEU D 155 -8.82 7.10 37.21
CA LEU D 155 -8.31 7.21 38.58
C LEU D 155 -8.49 8.64 39.06
N THR D 156 -9.37 8.85 40.06
CA THR D 156 -9.48 10.15 40.69
C THR D 156 -8.30 10.35 41.64
N PHE D 157 -7.71 11.54 41.64
CA PHE D 157 -6.52 11.72 42.46
C PHE D 157 -6.32 13.20 42.80
N LEU D 158 -5.41 13.41 43.76
CA LEU D 158 -4.99 14.71 44.26
C LEU D 158 -3.58 14.98 43.75
N PRO D 159 -3.42 15.73 42.70
CA PRO D 159 -2.08 15.93 42.17
C PRO D 159 -1.10 16.47 43.20
N SER D 160 0.10 15.94 43.19
CA SER D 160 1.12 16.37 44.12
C SER D 160 2.47 16.17 43.51
N ASP D 161 3.49 16.65 44.19
CA ASP D 161 4.84 16.50 43.69
C ASP D 161 5.38 15.22 44.30
N ASP D 162 4.52 14.55 45.04
CA ASP D 162 4.77 13.34 45.80
C ASP D 162 4.53 12.07 44.99
N GLU D 163 4.03 12.18 43.76
CA GLU D 163 3.57 10.97 43.09
C GLU D 163 3.92 10.86 41.61
N ILE D 164 4.13 9.62 41.20
CA ILE D 164 4.33 9.21 39.82
C ILE D 164 3.31 8.12 39.54
N TYR D 165 2.72 8.12 38.34
CA TYR D 165 1.61 7.22 38.01
C TYR D 165 1.90 6.40 36.79
N ASP D 166 1.52 5.13 36.85
CA ASP D 166 1.56 4.26 35.70
C ASP D 166 0.22 3.56 35.57
N CYS D 167 -0.21 3.36 34.33
CA CYS D 167 -1.34 2.50 34.02
C CYS D 167 -0.76 1.13 33.64
N LYS D 168 -1.26 0.07 34.27
CA LYS D 168 -0.73 -1.27 34.07
C LYS D 168 -1.78 -2.16 33.41
N VAL D 169 -1.44 -2.73 32.26
CA VAL D 169 -2.37 -3.51 31.44
C VAL D 169 -1.84 -4.94 31.30
N GLU D 170 -2.67 -5.91 31.66
CA GLU D 170 -2.38 -7.32 31.44
C GLU D 170 -3.32 -7.90 30.39
N HIS D 171 -2.74 -8.58 29.41
CA HIS D 171 -3.51 -9.14 28.30
C HIS D 171 -2.71 -10.27 27.66
N TRP D 172 -3.44 -11.28 27.19
CA TRP D 172 -2.81 -12.45 26.56
C TRP D 172 -1.99 -12.07 25.34
N GLY D 173 -2.31 -10.95 24.71
CA GLY D 173 -1.55 -10.47 23.56
C GLY D 173 -0.24 -9.79 23.91
N LEU D 174 0.09 -9.71 25.21
CA LEU D 174 1.33 -9.13 25.72
C LEU D 174 2.20 -10.22 26.33
N ASP D 175 3.53 -10.09 26.16
CA ASP D 175 4.46 -11.04 26.77
C ASP D 175 4.64 -10.81 28.26
N GLU D 176 4.57 -9.56 28.70
CA GLU D 176 4.55 -9.20 30.10
C GLU D 176 3.63 -7.99 30.23
N PRO D 177 3.16 -7.68 31.43
CA PRO D 177 2.30 -6.50 31.59
C PRO D 177 2.91 -5.26 30.96
N LEU D 178 2.06 -4.49 30.30
CA LEU D 178 2.43 -3.22 29.69
C LEU D 178 2.21 -2.08 30.69
N LEU D 179 3.22 -1.23 30.85
CA LEU D 179 3.13 -0.09 31.75
C LEU D 179 3.26 1.20 30.96
N LYS D 180 2.32 2.11 31.17
CA LYS D 180 2.33 3.42 30.54
C LYS D 180 2.47 4.46 31.64
N HIS D 181 3.50 5.29 31.54
CA HIS D 181 3.80 6.26 32.59
C HIS D 181 3.14 7.58 32.25
N TRP D 182 2.73 8.30 33.29
CA TRP D 182 2.12 9.61 33.13
C TRP D 182 2.90 10.68 33.92
N SER E 1 -2.39 -18.05 29.47
CA SER E 1 -2.91 -17.64 28.16
C SER E 1 -3.82 -18.73 27.58
N PRO E 2 -5.03 -18.84 28.12
CA PRO E 2 -5.99 -19.85 27.65
C PRO E 2 -6.65 -19.45 26.34
N GLU E 3 -7.29 -20.44 25.72
CA GLU E 3 -8.04 -20.21 24.49
C GLU E 3 -9.41 -19.61 24.76
N ASP E 4 -9.90 -18.86 23.80
CA ASP E 4 -11.15 -18.13 23.94
C ASP E 4 -11.87 -18.14 22.60
N PHE E 5 -13.17 -18.41 22.62
CA PHE E 5 -14.01 -18.31 21.44
C PHE E 5 -15.01 -17.18 21.68
N VAL E 6 -15.06 -16.21 20.76
CA VAL E 6 -15.82 -14.98 20.94
C VAL E 6 -16.91 -14.88 19.89
N TYR E 7 -18.06 -14.37 20.28
CA TYR E 7 -19.18 -14.12 19.36
C TYR E 7 -19.68 -12.72 19.59
N GLN E 8 -19.89 -11.98 18.49
CA GLN E 8 -20.48 -10.63 18.57
C GLN E 8 -21.67 -10.55 17.62
N PHE E 9 -22.68 -9.80 18.04
CA PHE E 9 -23.78 -9.38 17.17
C PHE E 9 -23.96 -7.89 17.37
N LYS E 10 -23.89 -7.13 16.27
CA LYS E 10 -24.01 -5.68 16.33
C LYS E 10 -25.22 -5.25 15.50
N GLY E 11 -26.19 -4.62 16.16
CA GLY E 11 -27.31 -4.08 15.42
C GLY E 11 -27.08 -2.60 15.20
N MET E 12 -26.83 -2.17 13.97
CA MET E 12 -26.34 -0.82 13.74
C MET E 12 -27.31 -0.02 12.86
N CYS E 13 -27.60 1.20 13.30
CA CYS E 13 -28.48 2.13 12.61
C CYS E 13 -27.66 3.34 12.17
N TYR E 14 -27.77 3.70 10.89
CA TYR E 14 -27.07 4.84 10.32
C TYR E 14 -28.08 5.90 9.92
N PHE E 15 -27.91 7.12 10.45
CA PHE E 15 -28.86 8.21 10.27
C PHE E 15 -28.20 9.35 9.51
N THR E 16 -28.93 9.92 8.55
CA THR E 16 -28.48 11.10 7.81
C THR E 16 -29.67 12.03 7.60
N ASN E 17 -29.46 13.33 7.86
CA ASN E 17 -30.52 14.32 7.75
C ASN E 17 -31.70 13.92 8.64
N GLY E 18 -31.42 13.81 9.94
CA GLY E 18 -32.41 13.27 10.85
C GLY E 18 -32.71 11.81 10.51
N THR E 19 -34.00 11.47 10.46
CA THR E 19 -34.47 10.14 10.10
C THR E 19 -34.89 10.06 8.64
N GLU E 20 -34.44 10.99 7.80
CA GLU E 20 -34.83 10.96 6.39
C GLU E 20 -34.14 9.82 5.64
N ARG E 21 -32.82 9.70 5.77
CA ARG E 21 -32.06 8.58 5.23
C ARG E 21 -31.57 7.72 6.39
N VAL E 22 -32.07 6.49 6.48
CA VAL E 22 -31.76 5.58 7.56
C VAL E 22 -31.34 4.25 6.95
N ARG E 23 -30.30 3.65 7.50
CA ARG E 23 -29.82 2.36 7.01
C ARG E 23 -29.56 1.45 8.19
N LEU E 24 -30.05 0.22 8.09
CA LEU E 24 -29.85 -0.79 9.12
C LEU E 24 -28.88 -1.83 8.59
N VAL E 25 -27.83 -2.12 9.38
CA VAL E 25 -26.90 -3.20 9.11
C VAL E 25 -26.72 -4.01 10.38
N THR E 26 -27.14 -5.28 10.37
CA THR E 26 -26.92 -6.17 11.49
C THR E 26 -25.76 -7.11 11.14
N ARG E 27 -24.84 -7.30 12.08
CA ARG E 27 -23.57 -7.95 11.81
C ARG E 27 -23.36 -9.12 12.75
N TYR E 28 -23.08 -10.29 12.19
CA TYR E 28 -22.85 -11.53 12.92
C TYR E 28 -21.36 -11.84 12.83
N ILE E 29 -20.71 -11.93 13.98
CA ILE E 29 -19.25 -11.89 14.06
C ILE E 29 -18.76 -13.07 14.88
N TYR E 30 -17.85 -13.85 14.31
CA TYR E 30 -17.18 -14.91 15.04
C TYR E 30 -15.74 -14.45 15.27
N ASN E 31 -15.34 -14.37 16.55
CA ASN E 31 -14.10 -13.71 16.95
C ASN E 31 -14.10 -12.29 16.39
N ARG E 32 -13.28 -11.97 15.39
CA ARG E 32 -13.38 -10.67 14.74
C ARG E 32 -13.79 -10.79 13.27
N GLU E 33 -14.31 -11.94 12.88
CA GLU E 33 -14.67 -12.17 11.48
C GLU E 33 -16.19 -11.98 11.33
N GLU E 34 -16.60 -10.89 10.68
CA GLU E 34 -18.00 -10.72 10.30
C GLU E 34 -18.32 -11.75 9.23
N TYR E 35 -19.26 -12.67 9.50
CA TYR E 35 -19.48 -13.75 8.55
C TYR E 35 -20.81 -13.71 7.84
N ALA E 36 -21.79 -12.97 8.37
CA ALA E 36 -23.08 -12.78 7.73
C ALA E 36 -23.62 -11.44 8.15
N ARG E 37 -24.43 -10.82 7.29
CA ARG E 37 -25.04 -9.55 7.66
C ARG E 37 -26.37 -9.36 6.93
N PHE E 38 -27.26 -8.59 7.55
CA PHE E 38 -28.43 -8.03 6.91
C PHE E 38 -28.17 -6.56 6.69
N ASP E 39 -28.38 -6.10 5.46
CA ASP E 39 -28.22 -4.70 5.08
C ASP E 39 -29.52 -4.24 4.43
N SER E 40 -30.16 -3.20 5.02
CA SER E 40 -31.43 -2.74 4.47
C SER E 40 -31.30 -2.24 3.03
N ASP E 41 -30.10 -1.87 2.58
CA ASP E 41 -29.96 -1.52 1.16
C ASP E 41 -30.16 -2.71 0.24
N VAL E 42 -30.08 -3.94 0.75
CA VAL E 42 -30.26 -5.13 -0.06
C VAL E 42 -31.54 -5.89 0.27
N GLY E 43 -31.99 -5.88 1.52
CA GLY E 43 -33.27 -6.47 1.85
C GLY E 43 -33.24 -7.95 2.19
N VAL E 44 -32.08 -8.61 2.13
CA VAL E 44 -31.93 -10.01 2.50
C VAL E 44 -30.60 -10.19 3.21
N TYR E 45 -30.47 -11.31 3.94
CA TYR E 45 -29.21 -11.68 4.57
C TYR E 45 -28.21 -12.12 3.51
N ARG E 46 -26.94 -11.81 3.73
CA ARG E 46 -25.87 -12.21 2.83
C ARG E 46 -24.74 -12.81 3.63
N ALA E 47 -24.13 -13.87 3.12
CA ALA E 47 -22.87 -14.34 3.70
C ALA E 47 -21.76 -13.38 3.31
N VAL E 48 -20.88 -13.07 4.24
CA VAL E 48 -19.74 -12.24 3.92
C VAL E 48 -18.43 -13.03 3.96
N THR E 49 -18.39 -14.18 4.65
CA THR E 49 -17.25 -15.09 4.48
C THR E 49 -17.73 -16.53 4.31
N PRO E 50 -16.82 -17.49 4.10
CA PRO E 50 -17.26 -18.89 3.95
C PRO E 50 -17.90 -19.46 5.20
N LEU E 51 -17.79 -18.80 6.34
CA LEU E 51 -18.53 -19.24 7.52
C LEU E 51 -20.01 -18.94 7.41
N GLY E 52 -20.42 -18.11 6.46
CA GLY E 52 -21.75 -17.50 6.46
C GLY E 52 -22.89 -18.12 5.66
N PRO E 53 -22.63 -18.81 4.56
CA PRO E 53 -23.73 -19.26 3.66
C PRO E 53 -24.80 -20.06 4.39
N PRO E 54 -24.44 -21.01 5.25
CA PRO E 54 -25.52 -21.76 5.96
C PRO E 54 -26.37 -20.89 6.85
N ALA E 55 -25.79 -19.87 7.50
CA ALA E 55 -26.59 -18.97 8.33
C ALA E 55 -27.47 -18.06 7.47
N ALA E 56 -26.88 -17.43 6.45
CA ALA E 56 -27.65 -16.52 5.60
C ALA E 56 -28.78 -17.27 4.89
N GLU E 57 -28.49 -18.46 4.38
CA GLU E 57 -29.52 -19.25 3.73
C GLU E 57 -30.65 -19.60 4.69
N TYR E 58 -30.30 -19.98 5.91
CA TYR E 58 -31.29 -20.33 6.92
C TYR E 58 -32.17 -19.13 7.27
N TRP E 59 -31.56 -17.99 7.56
CA TRP E 59 -32.36 -16.83 7.95
C TRP E 59 -33.21 -16.33 6.77
N ASN E 60 -32.68 -16.37 5.55
CA ASN E 60 -33.48 -15.99 4.38
C ASN E 60 -34.65 -16.95 4.14
N SER E 61 -34.57 -18.18 4.61
CA SER E 61 -35.66 -19.13 4.40
C SER E 61 -36.85 -18.92 5.34
N GLN E 62 -36.71 -18.07 6.36
CA GLN E 62 -37.76 -17.84 7.34
C GLN E 62 -38.41 -16.49 7.06
N LYS E 63 -39.51 -16.50 6.33
CA LYS E 63 -40.18 -15.28 5.91
C LYS E 63 -40.45 -14.33 7.08
N GLU E 64 -40.72 -14.89 8.27
CA GLU E 64 -41.02 -14.03 9.42
C GLU E 64 -39.76 -13.35 9.94
N VAL E 65 -38.62 -14.04 9.90
CA VAL E 65 -37.36 -13.39 10.23
C VAL E 65 -37.08 -12.25 9.25
N LEU E 66 -37.12 -12.55 7.95
CA LEU E 66 -36.86 -11.53 6.96
C LEU E 66 -37.76 -10.31 7.17
N GLU E 67 -39.06 -10.55 7.30
CA GLU E 67 -40.00 -9.45 7.41
C GLU E 67 -39.74 -8.63 8.65
N ARG E 68 -39.45 -9.30 9.77
CA ARG E 68 -39.17 -8.59 11.02
C ARG E 68 -37.90 -7.75 10.91
N THR E 69 -36.84 -8.31 10.32
CA THR E 69 -35.61 -7.56 10.16
C THR E 69 -35.83 -6.34 9.27
N ARG E 70 -36.57 -6.51 8.16
CA ARG E 70 -36.89 -5.32 7.34
C ARG E 70 -37.62 -4.27 8.15
N ALA E 71 -38.56 -4.70 8.99
CA ALA E 71 -39.37 -3.77 9.76
C ALA E 71 -38.59 -3.07 10.86
N GLU E 72 -37.45 -3.61 11.28
CA GLU E 72 -36.68 -3.03 12.36
C GLU E 72 -36.12 -1.64 12.00
N LEU E 73 -35.94 -1.35 10.72
CA LEU E 73 -35.49 -0.02 10.32
C LEU E 73 -36.43 1.05 10.88
N ASP E 74 -37.75 0.81 10.81
CA ASP E 74 -38.73 1.71 11.40
C ASP E 74 -38.97 1.40 12.87
N THR E 75 -39.17 0.12 13.21
CA THR E 75 -39.60 -0.18 14.56
C THR E 75 -38.49 -0.08 15.59
N VAL E 76 -37.22 -0.05 15.17
CA VAL E 76 -36.11 0.13 16.11
C VAL E 76 -35.27 1.36 15.78
N CYS E 77 -34.69 1.43 14.57
CA CYS E 77 -33.83 2.58 14.26
C CYS E 77 -34.61 3.89 14.39
N ARG E 78 -35.68 4.06 13.59
CA ARG E 78 -36.42 5.32 13.64
C ARG E 78 -37.07 5.53 15.00
N HIS E 79 -37.57 4.45 15.60
CA HIS E 79 -38.20 4.57 16.92
C HIS E 79 -37.23 5.09 17.97
N ASN E 80 -36.05 4.46 18.08
CA ASN E 80 -35.07 4.86 19.08
C ASN E 80 -34.52 6.27 18.78
N TYR E 81 -34.47 6.66 17.52
CA TYR E 81 -33.99 8.01 17.21
C TYR E 81 -34.90 9.07 17.84
N GLN E 82 -36.22 8.82 17.88
CA GLN E 82 -37.11 9.80 18.51
C GLN E 82 -36.75 9.99 19.98
N LEU E 83 -36.25 8.94 20.63
CA LEU E 83 -35.82 9.07 22.01
C LEU E 83 -34.48 9.77 22.13
N GLU E 84 -33.60 9.61 21.13
CA GLU E 84 -32.34 10.37 21.14
C GLU E 84 -32.61 11.86 21.00
N LEU E 85 -33.60 12.22 20.19
CA LEU E 85 -33.96 13.60 19.94
C LEU E 85 -34.45 14.29 21.20
N ARG E 86 -35.01 13.52 22.15
CA ARG E 86 -35.38 14.03 23.48
C ARG E 86 -34.20 14.16 24.44
N THR E 87 -33.12 13.41 24.21
CA THR E 87 -32.09 13.38 25.23
C THR E 87 -30.71 13.64 24.64
N THR E 88 -30.07 12.58 24.13
CA THR E 88 -28.71 12.69 23.61
C THR E 88 -28.54 13.90 22.71
N LEU E 89 -29.43 14.08 21.74
CA LEU E 89 -29.24 15.10 20.72
C LEU E 89 -29.51 16.51 21.21
N GLN E 90 -30.02 16.66 22.44
CA GLN E 90 -30.15 17.98 23.06
C GLN E 90 -29.11 18.21 24.15
N ARG E 91 -28.24 17.24 24.43
CA ARG E 91 -27.23 17.42 25.45
C ARG E 91 -26.18 18.44 24.99
N ARG E 92 -25.97 19.48 25.79
CA ARG E 92 -24.96 20.49 25.52
C ARG E 92 -24.23 20.81 26.80
N VAL E 93 -22.94 20.51 26.83
CA VAL E 93 -22.09 20.73 28.00
C VAL E 93 -21.00 21.73 27.62
N GLU E 94 -20.99 22.87 28.31
CA GLU E 94 -20.07 23.95 27.96
C GLU E 94 -18.62 23.56 28.29
N PRO E 95 -17.67 23.93 27.44
CA PRO E 95 -16.27 23.65 27.75
C PRO E 95 -15.74 24.57 28.84
N THR E 96 -14.85 24.05 29.67
CA THR E 96 -14.05 24.95 30.47
C THR E 96 -12.73 25.15 29.74
N VAL E 97 -12.27 26.40 29.74
CA VAL E 97 -11.13 26.83 28.94
C VAL E 97 -10.07 27.44 29.88
N THR E 98 -8.83 26.99 29.75
CA THR E 98 -7.74 27.50 30.55
C THR E 98 -6.51 27.62 29.66
N ILE E 99 -5.68 28.60 29.96
CA ILE E 99 -4.41 28.78 29.27
C ILE E 99 -3.28 28.54 30.25
N SER E 100 -2.24 27.85 29.78
CA SER E 100 -1.03 27.71 30.52
C SER E 100 0.15 27.60 29.55
N PRO E 101 1.28 28.21 29.87
CA PRO E 101 2.49 27.99 29.06
C PRO E 101 3.13 26.66 29.43
N SER E 102 3.85 26.08 28.46
CA SER E 102 4.42 24.75 28.68
C SER E 102 5.68 24.75 29.55
N ARG E 103 6.33 25.90 29.63
CA ARG E 103 7.49 26.10 30.46
C ARG E 103 7.44 27.49 31.01
N THR E 104 8.23 27.73 32.05
CA THR E 104 8.31 29.02 32.68
C THR E 104 8.64 30.08 31.71
N GLU E 105 7.87 31.14 31.74
CA GLU E 105 8.06 32.22 30.85
C GLU E 105 9.27 33.03 31.20
N ALA E 106 9.93 33.54 30.17
CA ALA E 106 11.13 34.33 30.26
C ALA E 106 10.81 35.19 29.15
N LEU E 107 10.70 36.47 29.42
CA LEU E 107 10.27 37.40 28.43
C LEU E 107 10.61 37.21 26.99
N ASN E 108 11.88 37.07 26.68
CA ASN E 108 12.25 36.97 25.29
C ASN E 108 12.62 35.61 24.72
N HIS E 109 12.13 34.54 25.30
CA HIS E 109 12.43 33.22 24.82
C HIS E 109 11.20 32.46 24.36
N HIS E 110 11.25 31.86 23.20
CA HIS E 110 10.13 31.13 22.69
C HIS E 110 9.44 30.21 23.69
N ASN E 111 8.13 30.08 23.52
CA ASN E 111 7.31 29.24 24.38
C ASN E 111 6.08 28.78 23.63
N LEU E 112 5.29 27.94 24.28
CA LEU E 112 4.05 27.46 23.73
C LEU E 112 2.91 27.78 24.66
N LEU E 113 1.87 28.42 24.18
CA LEU E 113 0.67 28.64 24.97
C LEU E 113 -0.31 27.51 24.71
N VAL E 114 -0.72 26.80 25.75
CA VAL E 114 -1.61 25.67 25.60
C VAL E 114 -2.99 26.10 26.07
N CYS E 115 -3.93 26.18 25.13
CA CYS E 115 -5.34 26.37 25.44
C CYS E 115 -6.00 25.00 25.61
N SER E 116 -6.31 24.64 26.85
CA SER E 116 -6.99 23.38 27.15
C SER E 116 -8.50 23.63 27.15
N VAL E 117 -9.21 22.90 26.30
CA VAL E 117 -10.65 23.02 26.13
C VAL E 117 -11.23 21.68 26.56
N THR E 118 -11.83 21.63 27.74
CA THR E 118 -12.17 20.36 28.36
C THR E 118 -13.65 20.21 28.70
N ASP E 119 -14.06 18.94 28.75
CA ASP E 119 -15.34 18.49 29.29
C ASP E 119 -16.54 19.07 28.55
N PHE E 120 -16.54 18.99 27.23
CA PHE E 120 -17.64 19.53 26.45
C PHE E 120 -18.32 18.43 25.65
N TYR E 121 -19.56 18.70 25.22
CA TYR E 121 -20.35 17.80 24.37
C TYR E 121 -21.38 18.67 23.70
N PRO E 122 -21.67 18.44 22.41
CA PRO E 122 -21.15 17.39 21.53
C PRO E 122 -19.78 17.75 20.96
N ALA E 123 -19.36 17.03 19.91
CA ALA E 123 -17.97 17.10 19.47
C ALA E 123 -17.67 18.40 18.73
N GLN E 124 -18.66 19.01 18.07
CA GLN E 124 -18.37 20.17 17.23
C GLN E 124 -17.76 21.28 18.08
N ILE E 125 -16.59 21.78 17.70
CA ILE E 125 -15.96 22.86 18.45
C ILE E 125 -15.02 23.62 17.53
N LYS E 126 -14.77 24.88 17.87
CA LYS E 126 -13.89 25.72 17.06
C LYS E 126 -13.08 26.60 18.00
N VAL E 127 -11.76 26.50 17.89
CA VAL E 127 -10.84 27.19 18.78
C VAL E 127 -9.93 28.06 17.92
N ARG E 128 -9.80 29.33 18.30
CA ARG E 128 -8.94 30.28 17.60
C ARG E 128 -8.00 30.94 18.60
N TRP E 129 -6.80 31.27 18.13
CA TRP E 129 -5.82 32.02 18.90
C TRP E 129 -5.67 33.43 18.35
N PHE E 130 -5.54 34.41 19.24
CA PHE E 130 -5.25 35.79 18.84
C PHE E 130 -4.07 36.33 19.62
N ARG E 131 -3.22 37.10 18.94
CA ARG E 131 -2.18 37.93 19.55
C ARG E 131 -2.53 39.40 19.30
N ASN E 132 -2.87 40.14 20.35
CA ASN E 132 -3.11 41.60 20.27
C ASN E 132 -3.87 42.01 19.01
N ASP E 133 -5.05 41.44 18.81
CA ASP E 133 -5.94 41.72 17.69
C ASP E 133 -5.54 41.05 16.39
N GLN E 134 -4.48 40.26 16.35
CA GLN E 134 -4.14 39.50 15.14
C GLN E 134 -4.61 38.07 15.35
N GLU E 135 -5.42 37.56 14.43
CA GLU E 135 -5.77 36.15 14.49
C GLU E 135 -4.56 35.33 14.03
N GLU E 136 -4.17 34.35 14.84
CA GLU E 136 -3.05 33.48 14.48
C GLU E 136 -3.58 32.43 13.52
N THR E 137 -3.19 32.50 12.26
CA THR E 137 -3.60 31.51 11.28
C THR E 137 -2.49 30.52 10.96
N THR E 138 -1.34 30.67 11.61
CA THR E 138 -0.22 29.74 11.54
C THR E 138 0.37 29.64 12.93
N GLY E 139 1.28 28.68 13.13
CA GLY E 139 1.84 28.48 14.45
C GLY E 139 0.89 27.88 15.46
N VAL E 140 -0.27 27.38 15.01
CA VAL E 140 -1.24 26.73 15.89
C VAL E 140 -1.18 25.23 15.68
N VAL E 141 -1.03 24.48 16.77
CA VAL E 141 -0.95 23.03 16.74
C VAL E 141 -2.08 22.47 17.58
N SER E 142 -2.92 21.64 16.98
CA SER E 142 -4.09 21.14 17.68
C SER E 142 -4.00 19.61 17.82
N THR E 143 -4.38 19.10 19.00
CA THR E 143 -4.55 17.65 19.10
C THR E 143 -5.77 17.21 18.29
N PRO E 144 -5.86 15.93 17.99
CA PRO E 144 -7.15 15.39 17.55
C PRO E 144 -8.15 15.59 18.66
N LEU E 145 -9.43 15.51 18.30
CA LEU E 145 -10.48 15.47 19.32
C LEU E 145 -10.28 14.26 20.23
N ILE E 146 -10.29 14.49 21.54
CA ILE E 146 -10.05 13.44 22.53
C ILE E 146 -11.38 13.06 23.18
N ARG E 147 -11.72 11.77 23.09
CA ARG E 147 -12.94 11.24 23.68
C ARG E 147 -12.65 10.73 25.10
N ASN E 148 -13.32 11.30 26.10
CA ASN E 148 -12.99 10.88 27.46
C ASN E 148 -13.68 9.59 27.89
N GLY E 149 -14.69 9.13 27.15
CA GLY E 149 -15.43 7.95 27.51
C GLY E 149 -16.58 8.19 28.46
N ASP E 150 -16.71 9.39 29.00
CA ASP E 150 -17.78 9.72 29.92
C ASP E 150 -18.79 10.69 29.32
N TRP E 151 -18.97 10.63 27.99
CA TRP E 151 -19.82 11.56 27.24
C TRP E 151 -19.29 13.00 27.28
N THR E 152 -17.97 13.15 27.37
CA THR E 152 -17.35 14.46 27.14
C THR E 152 -16.13 14.29 26.25
N PHE E 153 -15.72 15.40 25.64
CA PHE E 153 -14.50 15.49 24.85
C PHE E 153 -13.56 16.53 25.45
N GLN E 154 -12.33 16.51 24.96
CA GLN E 154 -11.41 17.60 25.18
C GLN E 154 -10.53 17.77 23.95
N ILE E 155 -9.95 18.96 23.82
CA ILE E 155 -9.00 19.25 22.75
C ILE E 155 -7.99 20.27 23.28
N LEU E 156 -6.73 20.09 22.91
CA LEU E 156 -5.64 20.96 23.33
C LEU E 156 -5.11 21.69 22.11
N VAL E 157 -5.09 23.02 22.17
CA VAL E 157 -4.70 23.86 21.03
C VAL E 157 -3.55 24.75 21.48
N MET E 158 -2.39 24.55 20.86
CA MET E 158 -1.14 25.16 21.29
C MET E 158 -0.77 26.25 20.30
N LEU E 159 -0.22 27.35 20.83
CA LEU E 159 0.26 28.45 20.01
C LEU E 159 1.77 28.61 20.19
N GLU E 160 2.50 28.52 19.09
CA GLU E 160 3.94 28.80 19.10
C GLU E 160 4.14 30.31 19.15
N MET E 161 4.81 30.79 20.20
CA MET E 161 4.93 32.22 20.38
C MET E 161 6.18 32.54 21.18
N THR E 162 6.46 33.84 21.31
CA THR E 162 7.55 34.34 22.13
C THR E 162 7.01 35.49 22.99
N PRO E 163 6.96 35.35 24.31
CA PRO E 163 6.45 36.46 25.13
C PRO E 163 7.30 37.71 24.97
N GLN E 164 6.67 38.80 24.48
CA GLN E 164 7.27 40.13 24.33
C GLN E 164 6.36 41.18 24.93
N ARG E 165 6.90 42.40 24.92
CA ARG E 165 6.17 43.63 25.21
C ARG E 165 5.08 43.42 26.25
N GLY E 166 3.92 44.02 26.03
CA GLY E 166 2.78 43.66 26.85
C GLY E 166 1.77 42.99 25.95
N ASP E 167 2.17 41.88 25.34
CA ASP E 167 1.30 41.15 24.45
C ASP E 167 0.17 40.50 25.24
N VAL E 168 -1.04 40.59 24.70
CA VAL E 168 -2.20 39.89 25.28
C VAL E 168 -2.62 38.79 24.31
N TYR E 169 -2.62 37.55 24.79
CA TYR E 169 -3.09 36.42 23.99
C TYR E 169 -4.49 36.01 24.44
N THR E 170 -5.34 35.64 23.48
CA THR E 170 -6.69 35.18 23.81
C THR E 170 -7.00 33.88 23.07
N CYS E 171 -7.58 32.93 23.79
CA CYS E 171 -8.09 31.70 23.20
C CYS E 171 -9.60 31.86 23.06
N HIS E 172 -10.12 31.76 21.83
CA HIS E 172 -11.54 31.95 21.54
C HIS E 172 -12.17 30.60 21.22
N VAL E 173 -13.22 30.24 21.95
CA VAL E 173 -13.86 28.93 21.82
C VAL E 173 -15.32 29.11 21.44
N GLU E 174 -15.72 28.50 20.33
CA GLU E 174 -17.10 28.44 19.89
C GLU E 174 -17.58 27.00 19.97
N HIS E 175 -18.81 26.81 20.43
CA HIS E 175 -19.39 25.49 20.69
C HIS E 175 -20.90 25.61 20.72
N PRO E 176 -21.63 24.58 20.29
CA PRO E 176 -23.11 24.68 20.23
C PRO E 176 -23.76 24.93 21.57
N SER E 177 -23.08 24.70 22.67
CA SER E 177 -23.64 25.02 23.97
C SER E 177 -23.54 26.51 24.31
N LEU E 178 -22.81 27.28 23.53
CA LEU E 178 -22.44 28.65 23.90
C LEU E 178 -23.20 29.65 23.04
N GLN E 179 -23.92 30.57 23.70
CA GLN E 179 -24.56 31.67 22.98
C GLN E 179 -23.53 32.62 22.38
N ASN E 180 -22.47 32.91 23.13
CA ASN E 180 -21.34 33.68 22.66
C ASN E 180 -20.05 32.94 22.95
N PRO E 181 -18.98 33.22 22.22
CA PRO E 181 -17.71 32.51 22.46
C PRO E 181 -17.20 32.75 23.88
N ILE E 182 -16.47 31.75 24.38
CA ILE E 182 -15.66 31.89 25.58
C ILE E 182 -14.31 32.45 25.17
N ILE E 183 -13.84 33.47 25.90
CA ILE E 183 -12.54 34.09 25.69
C ILE E 183 -11.74 34.02 26.98
N VAL E 184 -10.56 33.43 26.90
CA VAL E 184 -9.61 33.41 28.00
C VAL E 184 -8.38 34.16 27.57
N GLU E 185 -7.85 35.02 28.46
CA GLU E 185 -6.72 35.88 28.14
C GLU E 185 -5.49 35.39 28.88
N TRP E 186 -4.34 35.56 28.23
CA TRP E 186 -3.05 35.34 28.86
C TRP E 186 -2.20 36.54 28.53
N ARG E 187 -1.67 37.20 29.56
CA ARG E 187 -0.87 38.41 29.40
C ARG E 187 0.60 38.13 29.69
N ALA E 188 1.46 38.50 28.77
CA ALA E 188 2.90 38.29 28.90
C ALA E 188 3.52 39.16 30.00
N VAL F 2 -41.96 4.37 23.30
CA VAL F 2 -42.30 3.77 24.58
C VAL F 2 -41.04 3.71 25.43
N GLU F 3 -40.48 2.53 25.40
CA GLU F 3 -39.20 2.14 25.95
C GLU F 3 -38.24 2.06 24.79
N GLU F 4 -36.95 2.05 25.09
CA GLU F 4 -36.01 1.71 24.04
C GLU F 4 -36.34 0.32 23.51
N LEU F 5 -36.18 0.14 22.21
CA LEU F 5 -36.26 -1.17 21.59
C LEU F 5 -34.87 -1.57 21.11
N TYR F 6 -34.77 -2.74 20.49
CA TYR F 6 -33.46 -3.31 20.20
C TYR F 6 -33.56 -4.22 18.99
N LEU F 7 -32.41 -4.53 18.41
CA LEU F 7 -32.37 -5.38 17.24
C LEU F 7 -32.22 -6.82 17.71
N VAL F 8 -33.07 -7.70 17.21
CA VAL F 8 -33.11 -9.09 17.66
C VAL F 8 -32.04 -9.88 16.93
N ALA F 9 -31.23 -10.59 17.69
CA ALA F 9 -30.19 -11.43 17.08
C ALA F 9 -30.83 -12.66 16.43
N GLY F 10 -30.60 -12.85 15.13
CA GLY F 10 -31.01 -14.09 14.50
C GLY F 10 -30.30 -15.29 15.11
N GLU F 11 -31.02 -16.41 15.19
CA GLU F 11 -30.47 -17.60 15.82
C GLU F 11 -30.10 -18.65 14.79
N GLU F 12 -28.88 -19.18 14.90
CA GLU F 12 -28.39 -20.25 14.05
C GLU F 12 -29.18 -21.54 14.31
N GLY F 13 -29.19 -22.44 13.34
CA GLY F 13 -30.00 -23.63 13.49
C GLY F 13 -29.32 -24.93 13.87
N CYS F 14 -28.02 -24.95 14.11
CA CYS F 14 -27.32 -26.20 14.45
C CYS F 14 -27.91 -26.84 15.69
N GLY F 15 -27.58 -28.13 15.87
CA GLY F 15 -28.05 -28.92 16.99
C GLY F 15 -27.20 -28.70 18.24
N GLY G 1 21.86 -10.49 -15.76
CA GLY G 1 21.18 -11.64 -15.27
C GLY G 1 19.72 -11.73 -15.60
N GLU G 2 18.87 -10.74 -15.25
CA GLU G 2 17.38 -10.64 -15.51
C GLU G 2 17.13 -9.36 -16.31
N ASP G 3 17.35 -8.19 -15.73
CA ASP G 3 17.45 -6.98 -16.52
C ASP G 3 18.82 -7.04 -17.18
N ILE G 4 18.91 -7.73 -18.31
CA ILE G 4 20.19 -7.91 -18.97
C ILE G 4 20.54 -6.62 -19.69
N VAL G 5 21.61 -5.99 -19.27
CA VAL G 5 22.02 -4.72 -19.85
C VAL G 5 22.86 -4.99 -21.09
N ALA G 6 22.52 -4.32 -22.19
CA ALA G 6 23.20 -4.56 -23.46
C ALA G 6 23.10 -3.31 -24.33
N ASP G 7 24.07 -3.15 -25.22
CA ASP G 7 24.00 -2.08 -26.21
C ASP G 7 22.95 -2.38 -27.28
N HIS G 8 22.75 -3.67 -27.61
CA HIS G 8 21.80 -4.07 -28.61
C HIS G 8 21.17 -5.39 -28.21
N VAL G 9 19.91 -5.59 -28.58
CA VAL G 9 19.17 -6.82 -28.35
C VAL G 9 18.55 -7.27 -29.66
N ALA G 10 18.79 -8.52 -30.02
CA ALA G 10 18.22 -9.11 -31.23
C ALA G 10 17.39 -10.32 -30.83
N SER G 11 16.29 -10.55 -31.58
CA SER G 11 15.58 -11.82 -31.53
C SER G 11 15.77 -12.50 -32.87
N TYR G 12 16.62 -13.52 -32.90
CA TYR G 12 16.91 -14.22 -34.13
C TYR G 12 16.08 -15.49 -34.16
N GLY G 13 14.80 -15.17 -34.11
CA GLY G 13 13.69 -16.04 -34.04
C GLY G 13 12.76 -15.53 -32.94
N VAL G 14 11.79 -14.68 -33.27
CA VAL G 14 10.55 -14.62 -32.51
C VAL G 14 9.66 -15.62 -33.20
N ASN G 15 9.29 -16.67 -32.48
CA ASN G 15 8.54 -17.80 -32.99
C ASN G 15 7.23 -17.91 -32.23
N LEU G 16 6.11 -18.00 -32.97
CA LEU G 16 4.77 -18.03 -32.39
C LEU G 16 3.91 -19.09 -33.06
N TYR G 17 3.21 -19.89 -32.27
CA TYR G 17 2.20 -20.78 -32.81
C TYR G 17 1.05 -20.89 -31.81
N GLN G 18 -0.17 -20.81 -32.31
CA GLN G 18 -1.32 -20.86 -31.41
C GLN G 18 -2.39 -21.78 -31.97
N SER G 19 -3.15 -22.42 -31.07
CA SER G 19 -4.19 -23.34 -31.48
C SER G 19 -5.31 -22.66 -32.25
N TYR G 20 -5.59 -21.39 -31.96
CA TYR G 20 -6.66 -20.72 -32.69
C TYR G 20 -6.23 -20.48 -34.14
N GLY G 21 -6.95 -21.11 -35.07
CA GLY G 21 -6.58 -21.09 -36.46
C GLY G 21 -6.50 -22.50 -37.01
N PRO G 22 -5.40 -23.22 -36.71
CA PRO G 22 -4.26 -22.67 -35.96
C PRO G 22 -3.41 -21.72 -36.82
N SER G 23 -2.48 -20.98 -36.21
CA SER G 23 -1.67 -20.02 -36.94
C SER G 23 -0.33 -19.82 -36.25
N GLY G 24 0.63 -19.27 -36.99
CA GLY G 24 1.95 -19.02 -36.46
C GLY G 24 2.52 -17.73 -37.03
N GLN G 25 3.67 -17.34 -36.49
CA GLN G 25 4.43 -16.21 -36.99
C GLN G 25 5.91 -16.47 -36.75
N TYR G 26 6.74 -16.09 -37.73
CA TYR G 26 8.18 -16.17 -37.60
C TYR G 26 8.77 -14.84 -38.05
N SER G 27 9.59 -14.22 -37.20
CA SER G 27 10.21 -12.95 -37.54
C SER G 27 11.53 -12.80 -36.81
N HIS G 28 12.36 -11.91 -37.34
CA HIS G 28 13.55 -11.46 -36.63
C HIS G 28 13.38 -10.01 -36.23
N GLU G 29 13.91 -9.67 -35.06
CA GLU G 29 13.84 -8.32 -34.51
C GLU G 29 15.23 -7.85 -34.11
N PHE G 30 15.45 -6.54 -34.21
CA PHE G 30 16.69 -5.94 -33.72
C PHE G 30 16.35 -4.62 -33.04
N ASP G 31 16.77 -4.48 -31.78
CA ASP G 31 16.46 -3.30 -30.95
C ASP G 31 14.97 -2.93 -31.07
N GLY G 32 14.12 -3.95 -31.05
CA GLY G 32 12.69 -3.72 -30.93
C GLY G 32 11.94 -3.45 -32.22
N ASP G 33 12.60 -3.51 -33.37
CA ASP G 33 11.96 -3.32 -34.66
C ASP G 33 12.05 -4.60 -35.48
N GLU G 34 11.09 -4.80 -36.37
CA GLU G 34 10.97 -6.04 -37.14
C GLU G 34 11.81 -5.96 -38.41
N GLU G 35 12.78 -6.87 -38.54
CA GLU G 35 13.58 -6.93 -39.77
C GLU G 35 12.81 -7.59 -40.92
N PHE G 36 12.11 -8.68 -40.62
CA PHE G 36 11.34 -9.40 -41.62
C PHE G 36 10.39 -10.33 -40.89
N TYR G 37 9.36 -10.76 -41.60
CA TYR G 37 8.59 -11.91 -41.19
C TYR G 37 8.60 -12.90 -42.34
N VAL G 38 8.36 -14.17 -42.04
CA VAL G 38 8.24 -15.18 -43.09
C VAL G 38 6.77 -15.49 -43.26
N ASP G 39 6.26 -15.26 -44.47
CA ASP G 39 4.91 -15.68 -44.81
C ASP G 39 4.89 -17.20 -44.88
N LEU G 40 4.30 -17.83 -43.88
CA LEU G 40 4.39 -19.28 -43.74
C LEU G 40 3.58 -20.01 -44.81
N GLU G 41 2.53 -19.38 -45.33
CA GLU G 41 1.75 -19.98 -46.41
C GLU G 41 2.54 -19.98 -47.72
N ARG G 42 3.03 -18.82 -48.13
CA ARG G 42 3.68 -18.66 -49.41
C ARG G 42 5.17 -18.94 -49.36
N LYS G 43 5.70 -19.33 -48.21
CA LYS G 43 7.13 -19.63 -48.04
C LYS G 43 8.00 -18.47 -48.56
N GLU G 44 7.77 -17.27 -48.02
CA GLU G 44 8.46 -16.09 -48.50
C GLU G 44 8.98 -15.23 -47.35
N THR G 45 10.24 -14.82 -47.42
CA THR G 45 10.79 -13.87 -46.46
C THR G 45 10.50 -12.43 -46.90
N VAL G 46 9.88 -11.64 -46.01
CA VAL G 46 9.43 -10.29 -46.34
C VAL G 46 10.16 -9.30 -45.44
N TRP G 47 11.22 -8.68 -45.96
CA TRP G 47 11.98 -7.70 -45.20
C TRP G 47 11.27 -6.34 -45.19
N GLN G 48 11.49 -5.59 -44.11
CA GLN G 48 10.70 -4.40 -43.82
C GLN G 48 11.37 -3.09 -44.23
N LEU G 49 12.57 -3.12 -44.80
CA LEU G 49 13.23 -1.91 -45.27
C LEU G 49 13.84 -2.17 -46.65
N PRO G 50 13.86 -1.16 -47.52
CA PRO G 50 14.57 -1.33 -48.81
C PRO G 50 16.00 -1.81 -48.66
N LEU G 51 16.75 -1.25 -47.70
CA LEU G 51 18.09 -1.70 -47.37
C LEU G 51 18.15 -3.20 -47.12
N PHE G 52 17.24 -3.73 -46.30
CA PHE G 52 17.27 -5.16 -46.01
C PHE G 52 16.86 -5.96 -47.23
N ARG G 53 15.78 -5.54 -47.92
CA ARG G 53 15.32 -6.30 -49.09
C ARG G 53 16.44 -6.46 -50.10
N ARG G 54 17.28 -5.44 -50.25
CA ARG G 54 18.29 -5.42 -51.30
C ARG G 54 19.57 -6.13 -50.92
N PHE G 55 19.91 -6.22 -49.63
CA PHE G 55 21.23 -6.72 -49.26
C PHE G 55 21.27 -7.82 -48.20
N ARG G 56 20.12 -8.26 -47.70
CA ARG G 56 20.11 -9.37 -46.74
C ARG G 56 19.22 -10.48 -47.27
N ARG G 57 19.44 -11.68 -46.76
CA ARG G 57 18.74 -12.86 -47.25
C ARG G 57 18.51 -13.81 -46.09
N PHE G 58 17.31 -14.38 -46.02
CA PHE G 58 17.01 -15.42 -45.05
C PHE G 58 16.17 -16.52 -45.69
N ASP G 59 16.61 -17.74 -45.52
CA ASP G 59 15.94 -18.89 -46.12
C ASP G 59 14.60 -19.15 -45.46
N PRO G 60 13.48 -18.91 -46.14
CA PRO G 60 12.17 -19.07 -45.49
C PRO G 60 11.89 -20.49 -45.03
N GLN G 61 12.54 -21.50 -45.60
CA GLN G 61 12.33 -22.86 -45.11
C GLN G 61 12.76 -23.00 -43.65
N PHE G 62 13.77 -22.22 -43.22
CA PHE G 62 14.17 -22.23 -41.82
C PHE G 62 12.99 -21.94 -40.88
N ALA G 63 12.17 -20.95 -41.22
CA ALA G 63 11.03 -20.62 -40.37
C ALA G 63 10.00 -21.75 -40.34
N LEU G 64 9.72 -22.32 -41.49
CA LEU G 64 8.75 -23.40 -41.59
C LEU G 64 9.15 -24.54 -40.69
N THR G 65 10.41 -24.88 -40.71
CA THR G 65 10.92 -25.92 -39.89
C THR G 65 10.81 -25.62 -38.38
N ASN G 66 11.18 -24.43 -37.96
CA ASN G 66 11.08 -24.07 -36.57
C ASN G 66 9.62 -24.12 -36.11
N ILE G 67 8.71 -23.58 -36.91
CA ILE G 67 7.31 -23.55 -36.60
C ILE G 67 6.73 -24.97 -36.45
N ALA G 68 7.22 -25.88 -37.25
CA ALA G 68 6.79 -27.27 -37.11
C ALA G 68 7.17 -27.80 -35.74
N VAL G 69 8.36 -27.40 -35.23
CA VAL G 69 8.75 -27.80 -33.89
C VAL G 69 7.79 -27.20 -32.86
N LEU G 70 7.47 -25.91 -32.98
CA LEU G 70 6.55 -25.29 -32.03
C LEU G 70 5.20 -25.98 -32.03
N LYS G 71 4.72 -26.37 -33.22
CA LYS G 71 3.42 -27.02 -33.27
C LYS G 71 3.42 -28.30 -32.45
N HIS G 72 4.54 -29.04 -32.48
CA HIS G 72 4.66 -30.23 -31.66
C HIS G 72 4.78 -29.86 -30.19
N ASN G 73 5.66 -28.88 -29.88
CA ASN G 73 5.85 -28.49 -28.49
C ASN G 73 4.52 -28.03 -27.87
N LEU G 74 3.71 -27.29 -28.64
CA LEU G 74 2.44 -26.80 -28.10
C LEU G 74 1.56 -27.95 -27.62
N ASN G 75 1.48 -29.03 -28.39
CA ASN G 75 0.64 -30.15 -27.94
C ASN G 75 1.15 -30.77 -26.66
N CYS G 76 2.48 -30.86 -26.49
CA CYS G 76 3.04 -31.43 -25.27
C CYS G 76 2.69 -30.60 -24.03
N VAL G 77 2.80 -29.27 -24.10
CA VAL G 77 2.57 -28.49 -22.89
C VAL G 77 1.08 -28.26 -22.64
N ILE G 78 0.24 -28.27 -23.68
CA ILE G 78 -1.19 -28.31 -23.46
C ILE G 78 -1.53 -29.51 -22.57
N LYS G 79 -0.96 -30.67 -22.90
CA LYS G 79 -1.18 -31.88 -22.12
C LYS G 79 -0.58 -31.78 -20.72
N ARG G 80 0.69 -31.39 -20.64
CA ARG G 80 1.36 -31.33 -19.35
C ARG G 80 0.74 -30.27 -18.44
N SER G 81 0.09 -29.26 -19.01
CA SER G 81 -0.50 -28.21 -18.19
C SER G 81 -1.97 -28.45 -17.92
N ASN G 82 -2.50 -29.62 -18.29
CA ASN G 82 -3.92 -29.91 -18.26
C ASN G 82 -4.73 -28.78 -18.90
N SER G 83 -4.29 -28.35 -20.09
CA SER G 83 -5.01 -27.34 -20.86
C SER G 83 -5.17 -26.03 -20.08
N THR G 84 -4.08 -25.55 -19.49
CA THR G 84 -4.09 -24.19 -18.95
C THR G 84 -4.12 -23.21 -20.11
N ALA G 85 -5.22 -22.44 -20.22
CA ALA G 85 -5.47 -21.54 -21.33
C ALA G 85 -4.92 -20.13 -21.07
N ALA G 86 -4.75 -19.40 -22.16
CA ALA G 86 -4.34 -18.00 -22.08
C ALA G 86 -5.43 -17.13 -21.45
N THR G 87 -5.00 -16.12 -20.70
CA THR G 87 -5.93 -15.10 -20.19
C THR G 87 -5.94 -13.92 -21.17
N ASN G 88 -7.14 -13.43 -21.50
CA ASN G 88 -7.25 -12.32 -22.44
C ASN G 88 -6.85 -11.00 -21.81
N GLU G 89 -6.01 -10.25 -22.49
CA GLU G 89 -5.67 -8.91 -22.05
C GLU G 89 -6.55 -7.88 -22.71
N VAL G 90 -6.65 -6.73 -22.06
CA VAL G 90 -7.33 -5.57 -22.62
C VAL G 90 -6.28 -4.76 -23.40
N PRO G 91 -6.40 -4.66 -24.72
CA PRO G 91 -5.41 -3.89 -25.48
C PRO G 91 -5.53 -2.41 -25.16
N GLU G 92 -4.42 -1.70 -25.33
CA GLU G 92 -4.36 -0.26 -25.16
C GLU G 92 -4.01 0.37 -26.50
N VAL G 93 -4.85 1.30 -26.97
CA VAL G 93 -4.80 1.80 -28.34
C VAL G 93 -4.47 3.28 -28.31
N THR G 94 -3.53 3.68 -29.14
CA THR G 94 -3.15 5.07 -29.29
C THR G 94 -3.07 5.39 -30.77
N VAL G 95 -3.57 6.56 -31.16
CA VAL G 95 -3.54 6.97 -32.57
C VAL G 95 -2.81 8.30 -32.64
N PHE G 96 -1.89 8.41 -33.57
CA PHE G 96 -1.10 9.63 -33.76
C PHE G 96 -0.66 9.67 -35.21
N SER G 97 -0.19 10.83 -35.64
CA SER G 97 0.30 10.97 -37.00
C SER G 97 1.82 10.76 -37.06
N LYS G 98 2.30 10.35 -38.24
CA LYS G 98 3.74 10.18 -38.44
C LYS G 98 4.46 11.52 -38.40
N SER G 99 3.87 12.56 -39.00
CA SER G 99 4.44 13.89 -39.13
C SER G 99 3.44 14.94 -38.70
N PRO G 100 3.89 16.15 -38.38
CA PRO G 100 2.93 17.23 -38.11
C PRO G 100 1.98 17.39 -39.28
N VAL G 101 0.72 17.63 -38.96
CA VAL G 101 -0.36 17.55 -39.95
C VAL G 101 -0.61 18.92 -40.53
N THR G 102 -0.68 19.00 -41.86
CA THR G 102 -1.17 20.19 -42.55
C THR G 102 -2.17 19.76 -43.61
N LEU G 103 -3.29 20.49 -43.68
CA LEU G 103 -4.35 20.15 -44.62
C LEU G 103 -3.80 20.02 -46.03
N GLY G 104 -4.23 18.97 -46.73
CA GLY G 104 -3.84 18.76 -48.10
C GLY G 104 -2.44 18.23 -48.32
N GLN G 105 -1.65 17.99 -47.27
CA GLN G 105 -0.28 17.50 -47.45
C GLN G 105 -0.21 16.04 -47.04
N PRO G 106 0.13 15.12 -47.94
CA PRO G 106 0.09 13.68 -47.61
C PRO G 106 0.77 13.36 -46.28
N ASN G 107 0.16 12.44 -45.53
CA ASN G 107 0.63 12.09 -44.20
C ASN G 107 0.25 10.64 -43.92
N THR G 108 0.54 10.18 -42.71
CA THR G 108 0.21 8.81 -42.33
C THR G 108 -0.33 8.81 -40.90
N LEU G 109 -1.49 8.20 -40.70
CA LEU G 109 -2.01 8.01 -39.36
C LEU G 109 -1.49 6.68 -38.86
N ILE G 110 -1.14 6.63 -37.58
CA ILE G 110 -0.54 5.46 -36.96
C ILE G 110 -1.42 5.01 -35.79
N CYS G 111 -1.81 3.75 -35.81
CA CYS G 111 -2.62 3.18 -34.75
C CYS G 111 -1.78 2.12 -34.03
N LEU G 112 -1.36 2.42 -32.82
CA LEU G 112 -0.59 1.51 -31.97
C LEU G 112 -1.56 0.71 -31.13
N VAL G 113 -1.52 -0.61 -31.27
CA VAL G 113 -2.31 -1.51 -30.43
C VAL G 113 -1.35 -2.30 -29.56
N ASP G 114 -1.33 -1.98 -28.28
CA ASP G 114 -0.36 -2.50 -27.32
C ASP G 114 -1.04 -3.47 -26.35
N ASN G 115 -0.21 -4.26 -25.67
CA ASN G 115 -0.70 -5.23 -24.68
C ASN G 115 -1.68 -6.21 -25.32
N ILE G 116 -1.30 -6.75 -26.45
CA ILE G 116 -2.14 -7.72 -27.16
C ILE G 116 -1.83 -9.13 -26.65
N PHE G 117 -2.85 -9.77 -26.09
CA PHE G 117 -2.76 -11.20 -25.83
C PHE G 117 -4.16 -11.76 -25.63
N PRO G 118 -4.45 -12.91 -26.27
CA PRO G 118 -3.53 -13.58 -27.20
C PRO G 118 -3.39 -12.84 -28.54
N PRO G 119 -2.38 -13.28 -29.41
CA PRO G 119 -2.08 -12.57 -30.67
C PRO G 119 -3.10 -12.85 -31.77
N VAL G 120 -4.32 -12.33 -31.55
CA VAL G 120 -5.41 -12.36 -32.52
C VAL G 120 -6.14 -11.04 -32.40
N VAL G 121 -6.22 -10.28 -33.50
CA VAL G 121 -6.75 -8.93 -33.42
C VAL G 121 -7.19 -8.51 -34.82
N ASN G 122 -8.23 -7.70 -34.88
CA ASN G 122 -8.59 -6.99 -36.10
C ASN G 122 -8.38 -5.50 -35.89
N ILE G 123 -7.61 -4.88 -36.77
CA ILE G 123 -7.40 -3.44 -36.75
C ILE G 123 -7.88 -2.91 -38.09
N THR G 124 -8.88 -2.03 -38.08
CA THR G 124 -9.37 -1.41 -39.29
C THR G 124 -9.56 0.07 -39.04
N TRP G 125 -9.68 0.83 -40.13
CA TRP G 125 -9.80 2.28 -40.07
C TRP G 125 -11.18 2.71 -40.58
N LEU G 126 -11.72 3.74 -39.94
CA LEU G 126 -13.01 4.33 -40.30
C LEU G 126 -12.82 5.79 -40.63
N SER G 127 -13.40 6.24 -41.74
CA SER G 127 -13.38 7.65 -42.11
C SER G 127 -14.82 8.16 -42.06
N ASN G 128 -15.09 9.09 -41.15
CA ASN G 128 -16.45 9.58 -40.93
C ASN G 128 -17.42 8.41 -40.78
N GLY G 129 -16.99 7.37 -40.07
CA GLY G 129 -17.79 6.19 -39.81
C GLY G 129 -17.78 5.12 -40.88
N HIS G 130 -17.20 5.38 -42.04
CA HIS G 130 -17.16 4.41 -43.13
C HIS G 130 -15.80 3.71 -43.16
N SER G 131 -15.82 2.43 -43.50
CA SER G 131 -14.59 1.65 -43.52
C SER G 131 -13.72 2.02 -44.72
N VAL G 132 -12.43 2.25 -44.46
CA VAL G 132 -11.43 2.56 -45.48
C VAL G 132 -10.57 1.33 -45.70
N THR G 133 -10.36 0.96 -46.96
CA THR G 133 -9.52 -0.21 -47.26
C THR G 133 -8.21 0.13 -47.96
N GLU G 134 -8.10 1.29 -48.60
CA GLU G 134 -6.89 1.53 -49.37
C GLU G 134 -5.98 2.46 -48.58
N GLY G 135 -4.69 2.27 -48.77
CA GLY G 135 -3.71 3.00 -48.00
C GLY G 135 -3.50 2.47 -46.61
N VAL G 136 -3.90 1.23 -46.34
CA VAL G 136 -3.79 0.60 -45.01
C VAL G 136 -2.77 -0.53 -45.07
N SER G 137 -1.86 -0.55 -44.11
CA SER G 137 -0.90 -1.63 -43.94
C SER G 137 -0.65 -1.81 -42.45
N GLU G 138 0.07 -2.87 -42.08
CA GLU G 138 0.31 -3.06 -40.66
C GLU G 138 1.55 -3.90 -40.45
N THR G 139 2.17 -3.74 -39.29
CA THR G 139 3.27 -4.60 -38.92
C THR G 139 2.76 -6.00 -38.57
N SER G 140 3.71 -6.91 -38.40
CA SER G 140 3.43 -8.17 -37.74
C SER G 140 3.15 -7.93 -36.27
N PHE G 141 2.95 -9.03 -35.53
CA PHE G 141 2.97 -8.95 -34.06
C PHE G 141 4.41 -8.76 -33.61
N LEU G 142 4.67 -7.71 -32.86
CA LEU G 142 5.99 -7.42 -32.36
C LEU G 142 6.08 -7.87 -30.91
N SER G 143 7.20 -8.46 -30.53
CA SER G 143 7.31 -9.07 -29.21
C SER G 143 7.57 -8.03 -28.12
N LYS G 144 7.21 -8.40 -26.88
CA LYS G 144 7.48 -7.62 -25.70
C LYS G 144 8.10 -8.53 -24.66
N SER G 145 8.90 -7.96 -23.75
CA SER G 145 9.57 -8.81 -22.78
C SER G 145 8.59 -9.40 -21.76
N ASP G 146 7.38 -8.87 -21.64
CA ASP G 146 6.37 -9.52 -20.82
C ASP G 146 5.56 -10.57 -21.60
N HIS G 147 5.99 -10.88 -22.83
CA HIS G 147 5.47 -11.92 -23.72
C HIS G 147 4.07 -11.65 -24.22
N SER G 148 3.54 -10.44 -24.04
CA SER G 148 2.42 -9.99 -24.87
C SER G 148 3.00 -9.45 -26.17
N PHE G 149 2.17 -8.83 -27.01
CA PHE G 149 2.62 -8.32 -28.29
C PHE G 149 2.07 -6.91 -28.48
N PHE G 150 2.64 -6.22 -29.45
CA PHE G 150 2.00 -5.03 -29.99
C PHE G 150 1.96 -5.13 -31.50
N LYS G 151 1.08 -4.32 -32.09
CA LYS G 151 0.90 -4.31 -33.53
C LYS G 151 0.52 -2.89 -33.90
N ILE G 152 1.01 -2.42 -35.05
CA ILE G 152 0.82 -1.06 -35.50
C ILE G 152 0.21 -1.07 -36.90
N SER G 153 -0.87 -0.32 -37.08
CA SER G 153 -1.52 -0.18 -38.37
C SER G 153 -1.32 1.25 -38.88
N TYR G 154 -1.20 1.38 -40.20
CA TYR G 154 -0.89 2.65 -40.85
C TYR G 154 -1.97 3.01 -41.86
N LEU G 155 -2.37 4.28 -41.87
CA LEU G 155 -3.30 4.77 -42.89
C LEU G 155 -2.67 5.98 -43.56
N THR G 156 -2.29 5.84 -44.83
CA THR G 156 -1.87 7.01 -45.59
C THR G 156 -3.09 7.83 -45.94
N PHE G 157 -2.99 9.14 -45.81
CA PHE G 157 -4.20 9.93 -46.03
C PHE G 157 -3.82 11.34 -46.42
N LEU G 158 -4.81 12.03 -46.95
CA LEU G 158 -4.66 13.40 -47.40
C LEU G 158 -5.45 14.22 -46.38
N PRO G 159 -4.80 14.78 -45.38
CA PRO G 159 -5.54 15.47 -44.34
C PRO G 159 -6.51 16.51 -44.82
N SER G 160 -7.70 16.48 -44.24
CA SER G 160 -8.74 17.41 -44.58
C SER G 160 -9.64 17.75 -43.42
N ASP G 161 -10.16 18.95 -43.41
CA ASP G 161 -11.01 19.43 -42.34
C ASP G 161 -12.36 18.77 -42.35
N ASP G 162 -12.66 18.11 -43.44
CA ASP G 162 -13.92 17.46 -43.69
C ASP G 162 -14.11 16.13 -43.01
N GLU G 163 -13.01 15.50 -42.63
CA GLU G 163 -13.09 14.18 -42.08
C GLU G 163 -12.55 13.92 -40.72
N ILE G 164 -13.08 12.88 -40.12
CA ILE G 164 -12.53 12.44 -38.84
C ILE G 164 -12.33 10.93 -38.94
N TYR G 165 -11.28 10.45 -38.31
CA TYR G 165 -10.82 9.08 -38.52
C TYR G 165 -10.84 8.36 -37.19
N ASP G 166 -11.19 7.09 -37.25
CA ASP G 166 -11.10 6.22 -36.09
C ASP G 166 -10.27 5.00 -36.42
N CYS G 167 -9.55 4.55 -35.44
CA CYS G 167 -8.94 3.23 -35.45
C CYS G 167 -9.90 2.32 -34.68
N LYS G 168 -10.29 1.21 -35.30
CA LYS G 168 -11.25 0.29 -34.70
C LYS G 168 -10.55 -1.02 -34.39
N VAL G 169 -10.56 -1.43 -33.13
CA VAL G 169 -9.81 -2.60 -32.67
C VAL G 169 -10.81 -3.59 -32.10
N GLU G 170 -10.79 -4.81 -32.62
CA GLU G 170 -11.57 -5.93 -32.12
C GLU G 170 -10.62 -6.95 -31.53
N HIS G 171 -10.92 -7.42 -30.31
CA HIS G 171 -10.08 -8.37 -29.59
C HIS G 171 -10.94 -9.06 -28.54
N TRP G 172 -10.63 -10.34 -28.27
CA TRP G 172 -11.41 -11.10 -27.30
C TRP G 172 -11.40 -10.46 -25.92
N GLY G 173 -10.36 -9.71 -25.59
CA GLY G 173 -10.34 -9.05 -24.30
C GLY G 173 -11.22 -7.84 -24.18
N LEU G 174 -11.94 -7.48 -25.24
CA LEU G 174 -12.86 -6.35 -25.24
C LEU G 174 -14.31 -6.84 -25.37
N ASP G 175 -15.21 -6.23 -24.61
CA ASP G 175 -16.62 -6.60 -24.74
C ASP G 175 -17.24 -6.04 -26.00
N GLU G 176 -16.73 -4.92 -26.50
CA GLU G 176 -17.18 -4.33 -27.75
C GLU G 176 -15.96 -3.77 -28.47
N PRO G 177 -16.06 -3.57 -29.78
CA PRO G 177 -14.94 -2.98 -30.52
C PRO G 177 -14.52 -1.66 -29.90
N LEU G 178 -13.21 -1.46 -29.78
CA LEU G 178 -12.70 -0.21 -29.26
C LEU G 178 -12.48 0.74 -30.43
N LEU G 179 -12.96 1.96 -30.31
CA LEU G 179 -12.82 2.95 -31.36
C LEU G 179 -11.91 4.03 -30.82
N LYS G 180 -10.83 4.29 -31.54
CA LYS G 180 -9.89 5.30 -31.13
C LYS G 180 -9.93 6.41 -32.16
N HIS G 181 -10.27 7.59 -31.67
CA HIS G 181 -10.45 8.78 -32.45
C HIS G 181 -9.14 9.54 -32.50
N TRP G 182 -8.92 10.26 -33.60
CA TRP G 182 -7.68 11.01 -33.70
C TRP G 182 -7.85 12.53 -33.71
N SER H 1 -12.81 -17.42 -29.54
CA SER H 1 -13.89 -16.91 -28.70
C SER H 1 -13.86 -17.66 -27.37
N PRO H 2 -13.98 -19.00 -27.42
CA PRO H 2 -13.42 -19.81 -26.33
C PRO H 2 -11.93 -19.60 -26.17
N GLU H 3 -11.22 -20.66 -25.84
CA GLU H 3 -9.85 -20.53 -25.35
C GLU H 3 -8.83 -20.69 -26.47
N ASP H 4 -7.64 -20.18 -26.19
CA ASP H 4 -6.52 -20.19 -27.12
C ASP H 4 -5.29 -20.64 -26.33
N PHE H 5 -4.54 -21.59 -26.89
CA PHE H 5 -3.29 -22.03 -26.30
C PHE H 5 -2.16 -21.50 -27.15
N VAL H 6 -1.20 -20.82 -26.52
CA VAL H 6 -0.17 -20.08 -27.25
C VAL H 6 1.20 -20.63 -26.89
N TYR H 7 2.08 -20.71 -27.90
CA TYR H 7 3.46 -21.14 -27.69
C TYR H 7 4.38 -20.12 -28.34
N GLN H 8 5.40 -19.68 -27.61
CA GLN H 8 6.42 -18.80 -28.16
C GLN H 8 7.79 -19.40 -27.93
N PHE H 9 8.67 -19.22 -28.91
CA PHE H 9 10.09 -19.47 -28.75
C PHE H 9 10.83 -18.22 -29.18
N LYS H 10 11.70 -17.72 -28.31
CA LYS H 10 12.45 -16.51 -28.56
C LYS H 10 13.93 -16.82 -28.43
N GLY H 11 14.67 -16.69 -29.52
CA GLY H 11 16.11 -16.87 -29.43
C GLY H 11 16.74 -15.49 -29.39
N MET H 12 17.36 -15.10 -28.28
CA MET H 12 17.71 -13.71 -28.03
C MET H 12 19.21 -13.55 -27.80
N CYS H 13 19.80 -12.58 -28.49
CA CYS H 13 21.22 -12.28 -28.44
C CYS H 13 21.42 -10.88 -27.86
N TYR H 14 22.29 -10.77 -26.87
CA TYR H 14 22.60 -9.50 -26.21
C TYR H 14 24.04 -9.15 -26.52
N PHE H 15 24.25 -7.95 -27.06
CA PHE H 15 25.56 -7.48 -27.47
C PHE H 15 25.97 -6.26 -26.64
N THR H 16 27.23 -6.23 -26.21
CA THR H 16 27.77 -5.06 -25.55
C THR H 16 29.19 -4.85 -26.05
N ASN H 17 29.56 -3.58 -26.27
CA ASN H 17 30.86 -3.24 -26.82
C ASN H 17 31.13 -4.04 -28.10
N GLY H 18 30.33 -3.77 -29.12
CA GLY H 18 30.40 -4.58 -30.32
C GLY H 18 30.04 -6.02 -30.02
N THR H 19 30.91 -6.95 -30.43
CA THR H 19 30.77 -8.35 -30.08
C THR H 19 31.76 -8.78 -29.01
N GLU H 20 32.37 -7.83 -28.31
CA GLU H 20 33.26 -8.18 -27.22
C GLU H 20 32.54 -8.96 -26.13
N ARG H 21 31.32 -8.53 -25.77
CA ARG H 21 30.52 -9.24 -24.78
C ARG H 21 29.20 -9.66 -25.41
N VAL H 22 28.95 -10.96 -25.50
CA VAL H 22 27.77 -11.48 -26.15
C VAL H 22 27.14 -12.53 -25.26
N ARG H 23 25.82 -12.50 -25.16
CA ARG H 23 25.08 -13.45 -24.35
C ARG H 23 23.87 -13.89 -25.15
N LEU H 24 23.59 -15.19 -25.09
CA LEU H 24 22.46 -15.80 -25.78
C LEU H 24 21.50 -16.35 -24.73
N VAL H 25 20.23 -15.99 -24.84
CA VAL H 25 19.17 -16.56 -24.02
C VAL H 25 18.04 -16.99 -24.94
N THR H 26 17.75 -18.29 -24.99
CA THR H 26 16.60 -18.81 -25.72
C THR H 26 15.51 -19.09 -24.71
N ARG H 27 14.27 -18.73 -25.06
CA ARG H 27 13.16 -18.74 -24.11
C ARG H 27 12.02 -19.57 -24.66
N TYR H 28 11.58 -20.57 -23.89
CA TYR H 28 10.46 -21.42 -24.27
C TYR H 28 9.27 -21.00 -23.42
N ILE H 29 8.20 -20.57 -24.07
CA ILE H 29 7.11 -19.83 -23.43
C ILE H 29 5.77 -20.51 -23.75
N TYR H 30 5.01 -20.81 -22.72
CA TYR H 30 3.67 -21.35 -22.90
C TYR H 30 2.67 -20.28 -22.44
N ASN H 31 1.83 -19.83 -23.38
CA ASN H 31 0.98 -18.67 -23.13
C ASN H 31 1.87 -17.48 -22.83
N ARG H 32 1.91 -16.99 -21.59
CA ARG H 32 2.86 -15.93 -21.29
C ARG H 32 3.91 -16.34 -20.26
N GLU H 33 4.06 -17.63 -20.00
CA GLU H 33 4.98 -18.09 -18.95
C GLU H 33 6.21 -18.72 -19.60
N GLU H 34 7.36 -18.07 -19.47
CA GLU H 34 8.61 -18.72 -19.83
C GLU H 34 8.81 -19.91 -18.90
N TYR H 35 8.88 -21.12 -19.47
CA TYR H 35 8.97 -22.31 -18.62
C TYR H 35 10.31 -23.04 -18.70
N ALA H 36 11.12 -22.77 -19.72
CA ALA H 36 12.45 -23.34 -19.86
C ALA H 36 13.31 -22.38 -20.65
N ARG H 37 14.61 -22.39 -20.38
CA ARG H 37 15.51 -21.50 -21.11
C ARG H 37 16.91 -22.10 -21.18
N PHE H 38 17.65 -21.68 -22.21
CA PHE H 38 19.10 -21.85 -22.27
C PHE H 38 19.75 -20.48 -22.20
N ASP H 39 20.64 -20.31 -21.24
CA ASP H 39 21.40 -19.08 -21.01
C ASP H 39 22.87 -19.39 -21.22
N SER H 40 23.50 -18.76 -22.21
CA SER H 40 24.91 -19.07 -22.44
C SER H 40 25.78 -18.75 -21.23
N ASP H 41 25.34 -17.87 -20.32
CA ASP H 41 26.10 -17.67 -19.11
C ASP H 41 26.07 -18.90 -18.22
N VAL H 42 25.05 -19.74 -18.36
CA VAL H 42 24.91 -20.95 -17.57
C VAL H 42 25.47 -22.17 -18.28
N GLY H 43 25.29 -22.26 -19.60
CA GLY H 43 25.86 -23.34 -20.38
C GLY H 43 25.00 -24.56 -20.49
N VAL H 44 23.82 -24.57 -19.87
CA VAL H 44 22.95 -25.74 -19.86
C VAL H 44 21.51 -25.26 -19.83
N TYR H 45 20.61 -26.12 -20.30
CA TYR H 45 19.18 -25.82 -20.21
C TYR H 45 18.73 -25.88 -18.77
N ARG H 46 17.77 -25.01 -18.42
CA ARG H 46 17.20 -24.94 -17.08
C ARG H 46 15.70 -24.75 -17.15
N ALA H 47 14.99 -25.38 -16.21
CA ALA H 47 13.57 -25.10 -16.01
C ALA H 47 13.41 -23.80 -15.23
N VAL H 48 12.44 -22.99 -15.61
CA VAL H 48 12.11 -21.81 -14.83
C VAL H 48 10.76 -21.91 -14.14
N THR H 49 9.87 -22.82 -14.58
CA THR H 49 8.65 -23.09 -13.85
C THR H 49 8.41 -24.59 -13.82
N PRO H 50 7.42 -25.08 -13.08
CA PRO H 50 7.24 -26.53 -12.99
C PRO H 50 6.87 -27.18 -14.32
N LEU H 51 6.54 -26.41 -15.34
CA LEU H 51 6.34 -26.98 -16.66
C LEU H 51 7.65 -27.42 -17.32
N GLY H 52 8.79 -26.97 -16.79
CA GLY H 52 10.05 -27.04 -17.50
C GLY H 52 10.97 -28.21 -17.25
N PRO H 53 10.93 -28.83 -16.07
CA PRO H 53 11.96 -29.85 -15.74
C PRO H 53 12.08 -30.92 -16.81
N PRO H 54 10.97 -31.51 -17.26
CA PRO H 54 11.10 -32.60 -18.26
C PRO H 54 11.74 -32.14 -19.57
N ALA H 55 11.41 -30.94 -20.04
CA ALA H 55 12.02 -30.43 -21.26
C ALA H 55 13.51 -30.16 -21.08
N ALA H 56 13.86 -29.44 -20.01
CA ALA H 56 15.27 -29.12 -19.79
C ALA H 56 16.11 -30.38 -19.67
N GLU H 57 15.63 -31.36 -18.89
CA GLU H 57 16.38 -32.60 -18.76
C GLU H 57 16.53 -33.29 -20.11
N TYR H 58 15.47 -33.30 -20.91
CA TYR H 58 15.52 -33.97 -22.20
C TYR H 58 16.55 -33.34 -23.10
N TRP H 59 16.52 -32.00 -23.22
CA TRP H 59 17.47 -31.31 -24.07
C TRP H 59 18.89 -31.44 -23.54
N ASN H 60 19.06 -31.39 -22.22
CA ASN H 60 20.41 -31.52 -21.66
C ASN H 60 20.97 -32.91 -21.89
N SER H 61 20.11 -33.91 -22.08
CA SER H 61 20.58 -35.27 -22.30
C SER H 61 20.95 -35.56 -23.76
N GLN H 62 20.62 -34.66 -24.67
CA GLN H 62 20.94 -34.82 -26.09
C GLN H 62 22.22 -34.06 -26.40
N LYS H 63 23.34 -34.79 -26.36
CA LYS H 63 24.65 -34.23 -26.71
C LYS H 63 24.55 -33.31 -27.93
N GLU H 64 23.76 -33.69 -28.91
CA GLU H 64 23.67 -32.96 -30.18
C GLU H 64 22.98 -31.62 -29.99
N VAL H 65 21.90 -31.59 -29.22
CA VAL H 65 21.21 -30.34 -28.90
C VAL H 65 22.12 -29.43 -28.08
N LEU H 66 22.58 -29.92 -26.93
CA LEU H 66 23.48 -29.15 -26.08
C LEU H 66 24.59 -28.50 -26.88
N GLU H 67 25.33 -29.30 -27.67
CA GLU H 67 26.48 -28.78 -28.39
C GLU H 67 26.05 -27.73 -29.43
N ARG H 68 24.98 -28.02 -30.18
CA ARG H 68 24.48 -27.04 -31.13
C ARG H 68 24.10 -25.76 -30.41
N THR H 69 23.46 -25.87 -29.25
CA THR H 69 23.01 -24.69 -28.54
C THR H 69 24.19 -23.86 -28.05
N ARG H 70 25.18 -24.50 -27.42
CA ARG H 70 26.35 -23.75 -26.95
C ARG H 70 27.10 -23.12 -28.11
N ALA H 71 27.11 -23.77 -29.27
CA ALA H 71 27.79 -23.19 -30.42
C ALA H 71 27.05 -21.98 -30.97
N GLU H 72 25.74 -21.86 -30.68
CA GLU H 72 24.93 -20.86 -31.36
C GLU H 72 25.34 -19.43 -31.01
N LEU H 73 25.97 -19.24 -29.84
CA LEU H 73 26.45 -17.90 -29.48
C LEU H 73 27.39 -17.35 -30.56
N ASP H 74 28.21 -18.21 -31.14
CA ASP H 74 29.14 -17.86 -32.21
C ASP H 74 28.51 -17.99 -33.59
N THR H 75 27.85 -19.10 -33.86
CA THR H 75 27.39 -19.37 -35.22
C THR H 75 26.14 -18.59 -35.60
N VAL H 76 25.37 -18.10 -34.62
CA VAL H 76 24.19 -17.33 -34.94
C VAL H 76 24.34 -15.89 -34.44
N CYS H 77 24.61 -15.70 -33.14
CA CYS H 77 24.64 -14.32 -32.61
C CYS H 77 25.76 -13.51 -33.25
N ARG H 78 27.00 -13.99 -33.11
CA ARG H 78 28.12 -13.23 -33.70
C ARG H 78 28.04 -13.18 -35.21
N HIS H 79 27.55 -14.26 -35.85
CA HIS H 79 27.39 -14.29 -37.31
C HIS H 79 26.43 -13.22 -37.80
N ASN H 80 25.21 -13.19 -37.25
CA ASN H 80 24.24 -12.21 -37.74
C ASN H 80 24.64 -10.79 -37.40
N TYR H 81 25.40 -10.60 -36.32
CA TYR H 81 25.83 -9.25 -35.96
C TYR H 81 26.68 -8.64 -37.07
N GLN H 82 27.55 -9.44 -37.69
CA GLN H 82 28.34 -8.91 -38.80
C GLN H 82 27.44 -8.37 -39.90
N LEU H 83 26.27 -9.01 -40.11
CA LEU H 83 25.33 -8.50 -41.09
C LEU H 83 24.64 -7.24 -40.61
N GLU H 84 24.34 -7.14 -39.31
CA GLU H 84 23.79 -5.89 -38.79
C GLU H 84 24.78 -4.75 -38.93
N LEU H 85 26.07 -5.04 -38.75
CA LEU H 85 27.10 -4.01 -38.81
C LEU H 85 27.22 -3.40 -40.21
N ARG H 86 26.88 -4.16 -41.26
CA ARG H 86 26.87 -3.61 -42.61
C ARG H 86 25.59 -2.85 -42.94
N THR H 87 24.51 -3.04 -42.16
CA THR H 87 23.22 -2.48 -42.54
C THR H 87 22.60 -1.72 -41.37
N THR H 88 21.86 -2.42 -40.52
CA THR H 88 21.15 -1.80 -39.40
C THR H 88 22.01 -0.78 -38.65
N LEU H 89 23.23 -1.17 -38.29
CA LEU H 89 24.05 -0.32 -37.44
C LEU H 89 24.66 0.86 -38.17
N GLN H 90 24.53 0.91 -39.50
CA GLN H 90 24.92 2.06 -40.30
C GLN H 90 23.77 3.02 -40.54
N ARG H 91 22.53 2.59 -40.32
CA ARG H 91 21.38 3.38 -40.72
C ARG H 91 21.22 4.58 -39.79
N ARG H 92 21.32 5.78 -40.32
CA ARG H 92 21.10 6.98 -39.53
C ARG H 92 20.16 7.90 -40.28
N VAL H 93 19.00 8.20 -39.67
CA VAL H 93 17.99 9.07 -40.23
C VAL H 93 17.93 10.33 -39.35
N GLU H 94 18.31 11.47 -39.90
CA GLU H 94 18.37 12.68 -39.09
C GLU H 94 16.96 13.22 -38.81
N PRO H 95 16.72 13.74 -37.60
CA PRO H 95 15.36 14.21 -37.25
C PRO H 95 14.88 15.35 -38.12
N THR H 96 13.58 15.30 -38.44
CA THR H 96 12.87 16.47 -38.95
C THR H 96 12.27 17.21 -37.77
N VAL H 97 12.50 18.52 -37.69
CA VAL H 97 12.15 19.30 -36.52
C VAL H 97 11.25 20.46 -36.93
N THR H 98 10.09 20.55 -36.29
CA THR H 98 9.04 21.50 -36.62
C THR H 98 8.48 22.10 -35.34
N ILE H 99 8.21 23.40 -35.36
CA ILE H 99 7.53 24.09 -34.25
C ILE H 99 6.16 24.53 -34.71
N SER H 100 5.13 24.24 -33.90
CA SER H 100 3.84 24.82 -34.18
C SER H 100 3.12 25.07 -32.88
N PRO H 101 2.34 26.17 -32.78
CA PRO H 101 1.43 26.43 -31.67
C PRO H 101 0.11 25.68 -31.84
N ASN H 111 -0.87 29.53 -26.73
CA ASN H 111 -0.45 29.38 -25.35
C ASN H 111 0.38 28.10 -25.08
N LEU H 112 0.62 27.30 -26.11
CA LEU H 112 1.49 26.13 -25.95
C LEU H 112 2.27 25.94 -27.21
N LEU H 113 3.54 25.66 -27.08
CA LEU H 113 4.36 25.48 -28.25
C LEU H 113 4.77 24.04 -28.36
N VAL H 114 4.58 23.44 -29.53
CA VAL H 114 4.94 22.04 -29.73
C VAL H 114 6.16 21.97 -30.64
N CYS H 115 7.23 21.36 -30.15
CA CYS H 115 8.36 21.01 -31.00
C CYS H 115 8.22 19.54 -31.40
N SER H 116 7.87 19.29 -32.65
CA SER H 116 7.74 17.94 -33.19
C SER H 116 9.09 17.47 -33.75
N VAL H 117 9.65 16.43 -33.15
CA VAL H 117 10.92 15.86 -33.59
C VAL H 117 10.59 14.50 -34.20
N THR H 118 10.53 14.41 -35.53
CA THR H 118 9.95 13.24 -36.16
C THR H 118 10.96 12.51 -37.07
N ASP H 119 10.68 11.23 -37.26
CA ASP H 119 11.31 10.39 -38.28
C ASP H 119 12.83 10.34 -38.11
N PHE H 120 13.28 9.88 -36.94
CA PHE H 120 14.71 9.73 -36.72
C PHE H 120 15.10 8.31 -36.31
N TYR H 121 16.36 7.98 -36.55
CA TYR H 121 16.91 6.68 -36.16
C TYR H 121 18.43 6.85 -36.03
N PRO H 122 19.04 6.31 -34.97
CA PRO H 122 18.42 5.47 -33.94
C PRO H 122 17.77 6.27 -32.82
N ALA H 123 17.55 5.61 -31.67
CA ALA H 123 16.63 6.15 -30.66
C ALA H 123 17.20 7.35 -29.89
N GLN H 124 18.52 7.40 -29.66
CA GLN H 124 19.08 8.42 -28.79
C GLN H 124 18.72 9.82 -29.27
N ILE H 125 18.19 10.65 -28.38
CA ILE H 125 17.77 12.00 -28.75
C ILE H 125 17.79 12.88 -27.51
N LYS H 126 18.08 14.16 -27.70
CA LYS H 126 17.97 15.14 -26.63
C LYS H 126 17.36 16.41 -27.19
N VAL H 127 16.32 16.92 -26.53
CA VAL H 127 15.59 18.09 -26.98
C VAL H 127 15.54 19.11 -25.85
N ARG H 128 15.76 20.37 -26.19
CA ARG H 128 15.67 21.42 -25.17
C ARG H 128 15.08 22.68 -25.77
N TRP H 129 14.31 23.39 -24.95
CA TRP H 129 13.63 24.61 -25.35
C TRP H 129 14.38 25.81 -24.82
N PHE H 130 14.45 26.84 -25.64
CA PHE H 130 15.03 28.11 -25.23
C PHE H 130 14.03 29.23 -25.54
N ARG H 131 13.93 30.18 -24.63
CA ARG H 131 13.18 31.41 -24.84
C ARG H 131 14.18 32.56 -24.73
N ASN H 132 14.32 33.32 -25.81
CA ASN H 132 15.35 34.36 -25.88
C ASN H 132 16.72 33.84 -25.45
N ASP H 133 16.87 32.51 -25.41
CA ASP H 133 18.11 31.72 -25.43
C ASP H 133 19.29 31.92 -24.46
N GLN H 134 19.23 31.56 -23.16
CA GLN H 134 18.08 31.34 -22.28
C GLN H 134 17.29 30.02 -22.41
N GLU H 135 17.65 29.04 -21.58
CA GLU H 135 17.02 27.72 -21.63
C GLU H 135 15.83 27.65 -20.68
N GLU H 136 14.71 27.13 -21.18
CA GLU H 136 13.52 26.92 -20.35
C GLU H 136 13.73 25.73 -19.42
N THR H 137 13.33 25.93 -18.15
CA THR H 137 13.48 24.91 -17.12
C THR H 137 12.16 24.50 -16.49
N THR H 138 11.05 25.17 -16.85
CA THR H 138 9.74 24.83 -16.33
C THR H 138 8.74 24.92 -17.48
N GLY H 139 7.58 24.30 -17.26
CA GLY H 139 6.56 24.29 -18.29
C GLY H 139 6.92 23.48 -19.53
N VAL H 140 7.91 22.60 -19.45
CA VAL H 140 8.28 21.74 -20.56
C VAL H 140 7.74 20.33 -20.30
N VAL H 141 6.83 19.89 -21.17
CA VAL H 141 6.24 18.56 -21.09
C VAL H 141 6.59 17.80 -22.37
N SER H 142 7.10 16.59 -22.22
CA SER H 142 7.54 15.77 -23.35
C SER H 142 6.80 14.45 -23.36
N THR H 143 6.38 14.00 -24.56
CA THR H 143 5.90 12.63 -24.69
C THR H 143 7.05 11.67 -24.40
N PRO H 144 6.74 10.39 -24.16
CA PRO H 144 7.79 9.37 -24.19
C PRO H 144 8.39 9.26 -25.59
N LEU H 145 9.51 8.56 -25.70
CA LEU H 145 10.00 8.19 -27.01
C LEU H 145 8.96 7.33 -27.72
N ILE H 146 8.59 7.70 -28.93
CA ILE H 146 7.51 7.06 -29.66
C ILE H 146 8.12 6.23 -30.79
N ARG H 147 7.88 4.93 -30.75
CA ARG H 147 8.38 4.01 -31.78
C ARG H 147 7.30 3.85 -32.84
N ASN H 148 7.58 4.32 -34.06
CA ASN H 148 6.59 4.34 -35.13
C ASN H 148 6.35 2.95 -35.76
N GLY H 149 7.24 1.99 -35.52
CA GLY H 149 7.12 0.67 -36.10
C GLY H 149 7.78 0.50 -37.47
N ASP H 150 8.19 1.58 -38.11
CA ASP H 150 8.77 1.55 -39.45
C ASP H 150 10.25 1.92 -39.42
N TRP H 151 10.95 1.55 -38.33
CA TRP H 151 12.36 1.88 -38.12
C TRP H 151 12.59 3.39 -38.07
N THR H 152 11.65 4.13 -37.50
CA THR H 152 11.87 5.50 -37.11
C THR H 152 11.14 5.76 -35.81
N PHE H 153 11.58 6.79 -35.11
CA PHE H 153 11.03 7.26 -33.85
C PHE H 153 10.54 8.69 -34.01
N GLN H 154 9.74 9.13 -33.05
CA GLN H 154 9.46 10.55 -32.93
C GLN H 154 9.35 10.88 -31.45
N ILE H 155 9.38 12.17 -31.16
CA ILE H 155 9.18 12.66 -29.81
C ILE H 155 8.59 14.06 -29.93
N LEU H 156 7.66 14.39 -29.03
CA LEU H 156 7.03 15.70 -29.03
C LEU H 156 7.33 16.37 -27.70
N VAL H 157 7.81 17.60 -27.74
CA VAL H 157 8.21 18.33 -26.54
C VAL H 157 7.47 19.66 -26.56
N MET H 158 6.64 19.90 -25.54
CA MET H 158 5.75 21.05 -25.47
C MET H 158 6.27 22.08 -24.47
N LEU H 159 6.08 23.35 -24.78
CA LEU H 159 6.46 24.43 -23.89
C LEU H 159 5.28 25.30 -23.51
N GLU H 160 5.08 25.54 -22.23
CA GLU H 160 4.00 26.42 -21.82
C GLU H 160 4.57 27.81 -22.00
N MET H 161 3.92 28.62 -22.80
CA MET H 161 4.43 29.93 -23.08
C MET H 161 3.35 30.99 -23.09
N THR H 162 3.77 32.24 -22.93
CA THR H 162 2.90 33.39 -23.03
C THR H 162 3.72 34.30 -23.90
N PRO H 163 3.37 34.28 -25.23
CA PRO H 163 4.23 35.11 -26.07
C PRO H 163 4.09 36.60 -25.83
N GLN H 164 5.11 37.32 -26.20
CA GLN H 164 5.08 38.72 -26.03
C GLN H 164 5.41 39.37 -27.31
N ARG H 165 6.47 38.94 -27.92
CA ARG H 165 6.84 39.64 -29.09
C ARG H 165 7.68 40.80 -28.64
N GLY H 166 8.83 40.96 -29.22
CA GLY H 166 9.34 40.00 -30.19
C GLY H 166 10.21 38.93 -29.54
N ASP H 167 9.61 38.14 -28.64
CA ASP H 167 10.26 36.95 -28.13
C ASP H 167 10.58 35.99 -29.26
N VAL H 168 11.65 35.21 -29.08
CA VAL H 168 12.06 34.19 -30.04
C VAL H 168 12.28 32.88 -29.27
N TYR H 169 11.48 31.87 -29.58
CA TYR H 169 11.62 30.55 -28.98
C TYR H 169 12.41 29.64 -29.92
N THR H 170 13.32 28.85 -29.35
CA THR H 170 14.10 27.92 -30.16
C THR H 170 14.05 26.52 -29.56
N CYS H 171 13.85 25.53 -30.43
CA CYS H 171 13.97 24.12 -30.11
C CYS H 171 15.37 23.66 -30.52
N HIS H 172 16.12 23.06 -29.60
CA HIS H 172 17.46 22.55 -29.87
C HIS H 172 17.44 21.03 -29.80
N VAL H 173 17.88 20.36 -30.87
CA VAL H 173 17.77 18.92 -30.99
C VAL H 173 19.14 18.30 -31.27
N GLU H 174 19.55 17.35 -30.44
CA GLU H 174 20.81 16.63 -30.63
C GLU H 174 20.50 15.16 -30.89
N HIS H 175 21.24 14.57 -31.83
CA HIS H 175 21.02 13.21 -32.28
C HIS H 175 22.34 12.67 -32.81
N PRO H 176 22.66 11.39 -32.56
CA PRO H 176 23.99 10.88 -32.97
C PRO H 176 24.27 10.93 -34.46
N SER H 177 23.24 11.09 -35.30
CA SER H 177 23.47 11.30 -36.72
C SER H 177 24.00 12.69 -37.05
N LEU H 178 23.93 13.66 -36.14
CA LEU H 178 24.22 15.05 -36.45
C LEU H 178 25.64 15.40 -36.07
N GLN H 179 26.31 16.20 -36.91
CA GLN H 179 27.58 16.78 -36.51
C GLN H 179 27.37 17.98 -35.60
N ASN H 180 26.32 18.75 -35.85
CA ASN H 180 25.94 19.91 -35.08
C ASN H 180 24.45 19.82 -34.77
N PRO H 181 24.02 20.38 -33.64
CA PRO H 181 22.60 20.29 -33.28
C PRO H 181 21.73 21.03 -34.28
N ILE H 182 20.48 20.59 -34.37
CA ILE H 182 19.47 21.26 -35.17
C ILE H 182 18.79 22.30 -34.29
N ILE H 183 18.65 23.52 -34.80
CA ILE H 183 17.99 24.60 -34.09
C ILE H 183 16.90 25.14 -34.97
N VAL H 184 15.67 25.17 -34.46
CA VAL H 184 14.53 25.72 -35.18
C VAL H 184 13.92 26.82 -34.33
N GLU H 185 13.54 27.92 -34.97
CA GLU H 185 13.04 29.10 -34.26
C GLU H 185 11.55 29.34 -34.54
N TRP H 186 10.88 29.92 -33.55
CA TRP H 186 9.52 30.43 -33.68
C TRP H 186 9.47 31.84 -33.11
N ARG H 187 9.19 32.83 -33.97
CA ARG H 187 9.19 34.23 -33.60
C ARG H 187 7.77 34.70 -33.32
N ALA H 188 7.51 35.12 -32.09
CA ALA H 188 6.21 35.69 -31.73
C ALA H 188 5.95 37.02 -32.46
N VAL I 2 25.97 -13.24 -47.75
CA VAL I 2 26.05 -14.13 -46.59
C VAL I 2 24.65 -14.23 -45.99
N GLU I 3 24.14 -15.46 -45.82
CA GLU I 3 22.81 -15.64 -45.28
C GLU I 3 22.74 -15.40 -43.77
N GLU I 4 21.60 -14.87 -43.33
CA GLU I 4 21.26 -14.86 -41.91
C GLU I 4 21.09 -16.29 -41.43
N LEU I 5 21.48 -16.56 -40.20
CA LEU I 5 21.18 -17.83 -39.55
C LEU I 5 20.16 -17.58 -38.43
N TYR I 6 19.80 -18.65 -37.71
CA TYR I 6 18.67 -18.56 -36.79
C TYR I 6 18.87 -19.55 -35.64
N LEU I 7 18.13 -19.32 -34.56
CA LEU I 7 18.21 -20.18 -33.39
C LEU I 7 17.18 -21.30 -33.53
N VAL I 8 17.64 -22.54 -33.40
CA VAL I 8 16.80 -23.70 -33.64
C VAL I 8 15.96 -23.99 -32.39
N ALA I 9 14.66 -24.13 -32.58
CA ALA I 9 13.79 -24.47 -31.45
C ALA I 9 13.98 -25.93 -31.06
N GLY I 10 14.36 -26.17 -29.81
CA GLY I 10 14.35 -27.52 -29.29
C GLY I 10 12.95 -28.09 -29.30
N GLU I 11 12.87 -29.40 -29.54
CA GLU I 11 11.62 -30.12 -29.69
C GLU I 11 11.35 -30.98 -28.46
N GLU I 12 10.14 -30.84 -27.90
CA GLU I 12 9.76 -31.67 -26.75
C GLU I 12 9.61 -33.12 -27.20
N GLY I 13 9.80 -34.02 -26.27
CA GLY I 13 9.74 -35.42 -26.54
C GLY I 13 8.47 -36.20 -26.51
N CYS I 14 7.31 -35.60 -26.28
CA CYS I 14 6.09 -36.36 -26.23
C CYS I 14 5.70 -36.83 -27.64
N GLY I 15 4.94 -37.88 -27.78
CA GLY I 15 4.40 -38.62 -26.67
C GLY I 15 2.98 -38.20 -26.53
#